data_8R7B
#
_entry.id   8R7B
#
_cell.length_a   67.448
_cell.length_b   101.071
_cell.length_c   90.472
_cell.angle_alpha   90.00
_cell.angle_beta   108.43
_cell.angle_gamma   90.00
#
_symmetry.space_group_name_H-M   'P 1 21 1'
#
loop_
_entity.id
_entity.type
_entity.pdbx_description
1 polymer 'Guanine-N7 methyltransferase nsp14'
2 non-polymer 'ZINC ION'
3 non-polymer S-ADENOSYL-L-HOMOCYSTEINE
4 non-polymer 1,2-ETHANEDIOL
5 non-polymer IMIDAZOLE
6 non-polymer N-[(5-fluoranyl-1-benzofuran-4-yl)methyl]-1,5-dimethyl-4-(1,4,6,7-tetrahydropyrazolo[4,3-c]pyridin-5-ylsulfonyl)pyrrole-2-carboxamide
7 non-polymer 'CHLORIDE ION'
8 water water
#
_entity_poly.entity_id   1
_entity_poly.type   'polypeptide(L)'
_entity_poly.pdbx_seq_one_letter_code
;SAENVTGLFKDCSKVITGLHPTQAPTHLSVDTKFKTEGLCVDIPGIPKDMTYRRLISMMGFKMNYQVNGYPNMFITREEA
IRHVRAWIGFAVAGCHATREAVGTNLPLQLGFSTGVNLVAVPTGYVDTPNNTDFSRVSAKPPPGDQFKHLIPLMYKGLPW
NVVRIKIVQMLSDTLKNLSDRVVFVLWAHGFELTSMKYFVKIGPERTCCLCDRRATCFSTASDTYACWHHSIGFDYVYNP
FMIDVQQWGFTGNLQSNHDLYCQVHGNAHVASCDAIMTRCLAVHECFVKRVDWTIEYPIIGDELKINAACRKVQHMVVKA
ALLADKFPVLHDIGNPKAIKCVPQADVEWKFYDAQPCSDKAYKIEELFYSYATHSDKFTDGVCLFWNCNVDRYPANSIVC
RFDTRVLSNLNLPGCDGGSLYVNKHAFHTPAFDKSAFVNLKQLPFFYYSDSPCESHGKQVVSDIDYVPLKSATCITRCNL
GGAVCRHHANEYRLYLDAYNMMISAGFSLWVYKQFDTYNLWNTFTRLQ
;
_entity_poly.pdbx_strand_id   A,B
#
# COMPACT_ATOMS: atom_id res chain seq x y z
N THR A 26 -7.75 28.63 -28.58
CA THR A 26 -9.10 28.88 -27.97
C THR A 26 -9.71 27.53 -27.59
N HIS A 27 -10.85 27.14 -28.19
CA HIS A 27 -11.68 25.95 -27.82
C HIS A 27 -11.66 24.92 -28.95
N LEU A 28 -12.43 23.83 -28.79
CA LEU A 28 -12.61 22.75 -29.81
C LEU A 28 -13.83 23.09 -30.67
N SER A 29 -13.59 23.64 -31.87
CA SER A 29 -14.63 24.01 -32.88
C SER A 29 -15.56 22.81 -33.12
N VAL A 30 -16.87 23.01 -32.94
CA VAL A 30 -17.92 21.96 -33.11
C VAL A 30 -17.92 21.42 -34.55
N ASP A 31 -17.27 22.12 -35.50
CA ASP A 31 -17.05 21.66 -36.90
C ASP A 31 -16.14 20.43 -36.96
N THR A 32 -15.23 20.26 -35.99
CA THR A 32 -14.15 19.23 -36.02
C THR A 32 -14.79 17.84 -36.21
N LYS A 33 -14.26 17.04 -37.16
CA LYS A 33 -14.79 15.69 -37.49
C LYS A 33 -14.54 14.79 -36.27
N PHE A 34 -15.44 13.83 -36.02
CA PHE A 34 -15.39 12.85 -34.90
C PHE A 34 -15.30 11.43 -35.46
N LYS A 35 -14.12 10.80 -35.34
CA LYS A 35 -13.80 9.42 -35.82
C LYS A 35 -14.84 8.44 -35.23
N THR A 36 -15.59 7.77 -36.11
CA THR A 36 -16.90 7.13 -35.81
C THR A 36 -16.75 5.64 -35.51
N GLU A 37 -15.53 5.09 -35.59
CA GLU A 37 -15.23 3.63 -35.45
C GLU A 37 -15.66 3.12 -34.06
N GLY A 38 -15.66 3.99 -33.04
CA GLY A 38 -16.42 3.79 -31.79
C GLY A 38 -17.77 4.50 -31.85
N MET A 50 -19.72 12.90 -39.97
CA MET A 50 -19.93 13.13 -38.51
C MET A 50 -19.02 14.26 -38.02
N THR A 51 -19.50 15.03 -37.04
CA THR A 51 -18.79 16.14 -36.32
C THR A 51 -19.34 16.21 -34.88
N TYR A 52 -18.81 17.12 -34.06
CA TYR A 52 -19.24 17.30 -32.64
C TYR A 52 -20.65 17.92 -32.60
N ARG A 53 -20.93 18.89 -33.47
CA ARG A 53 -22.28 19.51 -33.65
C ARG A 53 -23.33 18.41 -33.85
N ARG A 54 -23.07 17.45 -34.76
CA ARG A 54 -23.94 16.29 -35.05
C ARG A 54 -24.15 15.49 -33.76
N LEU A 55 -23.04 15.10 -33.12
CA LEU A 55 -22.98 14.20 -31.95
C LEU A 55 -23.78 14.76 -30.76
N ILE A 56 -23.71 16.09 -30.52
CA ILE A 56 -24.42 16.75 -29.39
C ILE A 56 -25.94 16.66 -29.62
N SER A 57 -26.39 16.85 -30.86
CA SER A 57 -27.83 16.71 -31.27
C SER A 57 -28.29 15.27 -30.99
N MET A 58 -27.47 14.28 -31.37
CA MET A 58 -27.77 12.82 -31.16
C MET A 58 -27.87 12.50 -29.67
N MET A 59 -27.10 13.19 -28.83
CA MET A 59 -27.04 12.97 -27.35
C MET A 59 -28.29 13.53 -26.65
N GLY A 60 -28.99 14.47 -27.29
CA GLY A 60 -30.32 14.97 -26.85
C GLY A 60 -30.26 16.39 -26.34
N PHE A 61 -29.52 17.28 -27.02
CA PHE A 61 -29.32 18.71 -26.67
C PHE A 61 -29.43 19.57 -27.94
N TYR A 70 -18.77 28.41 -23.31
CA TYR A 70 -19.06 26.96 -23.45
C TYR A 70 -19.50 26.66 -24.88
N PRO A 71 -18.64 26.82 -25.91
CA PRO A 71 -19.03 26.53 -27.30
C PRO A 71 -19.17 25.03 -27.63
N ASN A 72 -18.64 24.15 -26.78
CA ASN A 72 -18.59 22.68 -26.98
C ASN A 72 -18.45 21.98 -25.61
N MET A 73 -19.16 20.87 -25.42
CA MET A 73 -19.05 20.00 -24.22
C MET A 73 -17.69 19.31 -24.25
N PHE A 74 -17.21 18.98 -25.45
CA PHE A 74 -15.89 18.36 -25.73
C PHE A 74 -14.83 19.45 -25.76
N ILE A 75 -13.66 19.12 -25.22
CA ILE A 75 -12.51 20.08 -25.08
C ILE A 75 -11.29 19.42 -25.72
N THR A 76 -10.26 20.21 -26.02
CA THR A 76 -9.00 19.73 -26.63
C THR A 76 -8.22 18.95 -25.57
N ARG A 77 -7.34 18.07 -26.02
CA ARG A 77 -6.29 17.41 -25.21
C ARG A 77 -5.58 18.45 -24.33
N GLU A 78 -5.14 19.56 -24.92
CA GLU A 78 -4.42 20.67 -24.24
C GLU A 78 -5.26 21.20 -23.06
N GLU A 79 -6.56 21.45 -23.26
CA GLU A 79 -7.46 21.99 -22.20
C GLU A 79 -7.70 20.92 -21.14
N ALA A 80 -7.87 19.65 -21.52
CA ALA A 80 -8.05 18.52 -20.59
C ALA A 80 -6.83 18.41 -19.66
N ILE A 81 -5.64 18.56 -20.20
CA ILE A 81 -4.37 18.50 -19.41
C ILE A 81 -4.42 19.61 -18.34
N ARG A 82 -4.82 20.84 -18.72
CA ARG A 82 -4.94 22.00 -17.77
C ARG A 82 -5.92 21.66 -16.65
N HIS A 83 -6.94 20.84 -16.95
CA HIS A 83 -8.02 20.50 -16.00
C HIS A 83 -7.91 19.03 -15.59
N VAL A 84 -6.69 18.53 -15.42
CA VAL A 84 -6.47 17.10 -15.04
C VAL A 84 -7.11 16.81 -13.68
N ARG A 85 -7.12 17.79 -12.77
CA ARG A 85 -7.73 17.59 -11.41
C ARG A 85 -9.22 17.29 -11.53
N ALA A 86 -9.87 17.65 -12.65
CA ALA A 86 -11.33 17.47 -12.91
C ALA A 86 -11.66 16.12 -13.58
N TRP A 87 -10.66 15.34 -13.97
CA TRP A 87 -10.87 14.07 -14.74
C TRP A 87 -11.62 13.04 -13.89
N ILE A 88 -12.82 12.63 -14.35
CA ILE A 88 -13.55 11.44 -13.84
C ILE A 88 -13.82 10.53 -15.04
N GLY A 89 -13.20 9.35 -15.08
CA GLY A 89 -13.53 8.28 -16.04
C GLY A 89 -15.01 7.94 -15.94
N PHE A 90 -15.67 7.83 -17.09
CA PHE A 90 -17.12 7.51 -17.20
C PHE A 90 -17.33 6.47 -18.29
N ALA A 91 -17.94 5.33 -17.91
CA ALA A 91 -18.36 4.25 -18.83
C ALA A 91 -19.73 3.70 -18.42
N VAL A 92 -20.42 3.05 -19.37
CA VAL A 92 -21.77 2.44 -19.19
C VAL A 92 -21.77 1.04 -19.83
N ALA A 93 -22.36 0.04 -19.16
CA ALA A 93 -22.45 -1.37 -19.60
C ALA A 93 -23.91 -1.70 -19.98
N LEU A 106 -34.64 -1.95 -20.51
CA LEU A 106 -33.16 -2.04 -20.54
C LEU A 106 -32.58 -1.22 -19.36
N PRO A 107 -32.17 -1.86 -18.23
CA PRO A 107 -31.51 -1.14 -17.13
C PRO A 107 -30.00 -0.95 -17.38
N LEU A 108 -29.50 0.26 -17.11
CA LEU A 108 -28.11 0.72 -17.43
C LEU A 108 -27.25 0.70 -16.16
N GLN A 109 -26.04 0.16 -16.25
CA GLN A 109 -24.99 0.25 -15.19
C GLN A 109 -24.06 1.42 -15.50
N LEU A 110 -24.07 2.44 -14.65
CA LEU A 110 -23.22 3.67 -14.75
C LEU A 110 -22.00 3.50 -13.84
N GLY A 111 -20.80 3.66 -14.41
CA GLY A 111 -19.52 3.42 -13.73
C GLY A 111 -18.62 4.64 -13.80
N PHE A 112 -17.90 4.92 -12.70
CA PHE A 112 -16.96 6.06 -12.59
C PHE A 112 -15.59 5.59 -12.07
N SER A 113 -14.55 6.33 -12.44
CA SER A 113 -13.13 6.06 -12.08
C SER A 113 -12.91 6.10 -10.55
N THR A 114 -13.85 6.65 -9.77
CA THR A 114 -13.88 6.54 -8.29
C THR A 114 -14.21 5.11 -7.82
N GLY A 115 -14.53 4.18 -8.73
CA GLY A 115 -14.88 2.78 -8.43
C GLY A 115 -16.37 2.59 -8.11
N VAL A 116 -17.15 3.67 -8.07
CA VAL A 116 -18.62 3.68 -7.78
C VAL A 116 -19.35 3.12 -9.00
N ASN A 117 -20.34 2.26 -8.74
CA ASN A 117 -21.28 1.70 -9.76
C ASN A 117 -22.71 1.94 -9.30
N LEU A 118 -23.53 2.48 -10.21
CA LEU A 118 -24.98 2.73 -10.00
C LEU A 118 -25.73 2.09 -11.18
N VAL A 119 -26.80 1.35 -10.88
CA VAL A 119 -27.75 0.75 -11.89
C VAL A 119 -29.08 1.51 -11.81
N ALA A 120 -29.55 2.05 -12.94
CA ALA A 120 -30.89 2.68 -13.11
C ALA A 120 -31.79 1.73 -13.93
N VAL A 121 -33.10 1.82 -13.73
CA VAL A 121 -34.13 0.90 -14.33
C VAL A 121 -35.26 1.73 -14.92
N PRO A 122 -35.71 1.47 -16.17
CA PRO A 122 -36.86 2.17 -16.75
C PRO A 122 -38.20 1.53 -16.38
N GLY A 157 -32.29 -2.54 -9.95
CA GLY A 157 -31.57 -1.26 -10.10
C GLY A 157 -32.03 -0.22 -9.09
N LEU A 158 -32.27 1.01 -9.54
CA LEU A 158 -32.60 2.21 -8.70
C LEU A 158 -33.38 3.21 -9.55
N PRO A 159 -34.20 4.10 -8.95
CA PRO A 159 -34.86 5.18 -9.71
C PRO A 159 -33.84 6.21 -10.22
N TRP A 160 -34.05 6.74 -11.43
CA TRP A 160 -33.19 7.78 -12.08
C TRP A 160 -33.08 9.02 -11.19
N ASN A 161 -34.18 9.45 -10.58
CA ASN A 161 -34.26 10.60 -9.63
C ASN A 161 -33.34 10.39 -8.41
N VAL A 162 -33.13 9.13 -7.98
CA VAL A 162 -32.22 8.77 -6.86
C VAL A 162 -30.79 8.70 -7.41
N VAL A 163 -30.59 8.03 -8.54
CA VAL A 163 -29.30 7.87 -9.27
C VAL A 163 -28.68 9.25 -9.52
N ARG A 164 -29.45 10.19 -10.07
CA ARG A 164 -28.94 11.53 -10.47
C ARG A 164 -28.52 12.32 -9.21
N ILE A 165 -29.19 12.13 -8.07
CA ILE A 165 -28.82 12.77 -6.76
C ILE A 165 -27.49 12.20 -6.28
N LYS A 166 -27.31 10.86 -6.39
CA LYS A 166 -26.08 10.16 -5.92
C LYS A 166 -24.87 10.63 -6.73
N ILE A 167 -25.03 10.75 -8.05
CA ILE A 167 -23.98 11.25 -8.99
C ILE A 167 -23.51 12.63 -8.53
N VAL A 168 -24.43 13.60 -8.37
CA VAL A 168 -24.09 15.00 -7.98
C VAL A 168 -23.35 14.98 -6.64
N GLN A 169 -23.78 14.13 -5.70
CA GLN A 169 -23.19 13.98 -4.34
C GLN A 169 -21.75 13.46 -4.48
N MET A 170 -21.56 12.40 -5.26
CA MET A 170 -20.24 11.74 -5.47
C MET A 170 -19.25 12.72 -6.13
N LEU A 171 -19.68 13.39 -7.20
CA LEU A 171 -18.84 14.35 -7.94
C LEU A 171 -18.49 15.55 -7.05
N SER A 172 -19.47 16.09 -6.34
CA SER A 172 -19.30 17.20 -5.37
C SER A 172 -18.25 16.80 -4.34
N ASP A 173 -18.34 15.60 -3.78
CA ASP A 173 -17.46 15.07 -2.70
C ASP A 173 -16.04 14.89 -3.26
N THR A 174 -15.90 14.33 -4.46
CA THR A 174 -14.60 14.04 -5.11
C THR A 174 -13.89 15.33 -5.56
N LEU A 175 -14.63 16.32 -6.06
CA LEU A 175 -14.04 17.44 -6.84
C LEU A 175 -14.06 18.77 -6.10
N LYS A 176 -14.82 18.94 -5.02
CA LYS A 176 -15.09 20.31 -4.47
C LYS A 176 -13.77 21.01 -4.12
N ASN A 177 -12.77 20.28 -3.63
CA ASN A 177 -11.44 20.81 -3.22
C ASN A 177 -10.40 20.70 -4.35
N LEU A 178 -10.71 20.01 -5.45
CA LEU A 178 -9.75 19.79 -6.58
C LEU A 178 -9.96 20.78 -7.71
N SER A 179 -11.21 21.02 -8.12
CA SER A 179 -11.53 21.72 -9.40
C SER A 179 -12.83 22.52 -9.33
N ASP A 180 -12.99 23.44 -10.28
CA ASP A 180 -14.21 24.26 -10.49
C ASP A 180 -15.15 23.57 -11.50
N ARG A 181 -14.84 22.34 -11.92
CA ARG A 181 -15.55 21.64 -13.01
C ARG A 181 -15.34 20.14 -12.91
N VAL A 182 -15.88 19.42 -13.89
CA VAL A 182 -15.64 17.98 -14.15
C VAL A 182 -15.33 17.86 -15.64
N VAL A 183 -14.36 17.01 -15.96
CA VAL A 183 -14.11 16.48 -17.32
C VAL A 183 -14.38 14.98 -17.28
N PHE A 184 -15.48 14.52 -17.88
CA PHE A 184 -15.72 13.07 -18.09
C PHE A 184 -14.69 12.57 -19.11
N VAL A 185 -13.94 11.55 -18.73
CA VAL A 185 -12.95 10.89 -19.64
C VAL A 185 -13.61 9.63 -20.21
N LEU A 186 -13.79 9.60 -21.53
CA LEU A 186 -14.58 8.56 -22.24
C LEU A 186 -13.67 7.72 -23.14
N TRP A 187 -13.98 6.43 -23.23
CA TRP A 187 -13.70 5.52 -24.37
C TRP A 187 -15.05 5.28 -25.06
N ALA A 188 -15.41 6.15 -26.01
CA ALA A 188 -16.81 6.33 -26.48
C ALA A 188 -17.25 5.16 -27.38
N HIS A 189 -18.18 4.33 -26.86
CA HIS A 189 -18.90 3.22 -27.55
C HIS A 189 -20.27 3.66 -28.06
N GLY A 190 -20.71 4.89 -27.73
CA GLY A 190 -22.01 5.47 -28.11
C GLY A 190 -22.99 5.53 -26.94
N PHE A 191 -23.07 4.47 -26.13
CA PHE A 191 -24.17 4.25 -25.16
C PHE A 191 -24.02 5.21 -23.96
N GLU A 192 -22.78 5.49 -23.55
CA GLU A 192 -22.46 6.42 -22.41
C GLU A 192 -22.91 7.84 -22.75
N LEU A 193 -22.71 8.30 -23.99
CA LEU A 193 -23.12 9.65 -24.46
C LEU A 193 -24.65 9.79 -24.45
N THR A 194 -25.35 8.72 -24.83
CA THR A 194 -26.84 8.62 -24.82
C THR A 194 -27.37 8.83 -23.39
N SER A 195 -26.68 8.28 -22.39
CA SER A 195 -27.15 8.27 -20.97
C SER A 195 -27.09 9.65 -20.32
N MET A 196 -26.24 10.56 -20.84
CA MET A 196 -25.94 11.85 -20.18
C MET A 196 -27.21 12.69 -20.03
N LYS A 197 -28.11 12.67 -21.02
CA LYS A 197 -29.41 13.40 -21.01
C LYS A 197 -30.19 13.17 -19.70
N TYR A 198 -30.01 12.01 -19.04
CA TYR A 198 -30.77 11.59 -17.84
C TYR A 198 -30.23 12.22 -16.54
N PHE A 199 -28.98 12.71 -16.49
CA PHE A 199 -28.37 13.35 -15.28
C PHE A 199 -27.57 14.63 -15.60
N VAL A 200 -27.43 15.02 -16.87
CA VAL A 200 -26.66 16.22 -17.31
C VAL A 200 -27.63 17.28 -17.86
N LYS A 201 -27.41 18.55 -17.53
CA LYS A 201 -28.06 19.75 -18.13
C LYS A 201 -26.97 20.67 -18.69
N ILE A 202 -27.18 21.27 -19.87
CA ILE A 202 -26.22 22.25 -20.47
C ILE A 202 -26.90 23.61 -20.61
N GLY A 203 -26.11 24.64 -20.94
CA GLY A 203 -26.57 26.01 -21.19
C GLY A 203 -25.42 26.99 -21.10
N PRO A 204 -25.69 28.30 -20.90
CA PRO A 204 -24.61 29.27 -20.78
C PRO A 204 -23.89 29.09 -19.43
N GLU A 205 -22.68 29.63 -19.31
CA GLU A 205 -21.93 29.63 -18.03
C GLU A 205 -22.72 30.44 -17.00
N ARG A 206 -22.89 29.89 -15.81
CA ARG A 206 -23.67 30.47 -14.69
C ARG A 206 -22.86 30.39 -13.40
N THR A 207 -23.30 31.11 -12.37
CA THR A 207 -22.61 31.18 -11.06
C THR A 207 -23.49 30.56 -9.98
N CYS A 208 -22.87 30.12 -8.89
CA CYS A 208 -23.52 29.50 -7.71
C CYS A 208 -24.50 30.51 -7.12
N CYS A 209 -25.67 30.06 -6.65
CA CYS A 209 -26.67 30.88 -5.93
C CYS A 209 -26.08 31.39 -4.60
N LEU A 210 -25.08 30.69 -4.03
CA LEU A 210 -24.53 30.94 -2.67
C LEU A 210 -23.11 31.54 -2.67
N CYS A 211 -22.34 31.45 -3.77
CA CYS A 211 -20.95 32.00 -3.84
C CYS A 211 -20.67 32.51 -5.25
N ASP A 212 -19.46 33.04 -5.49
CA ASP A 212 -19.02 33.58 -6.82
C ASP A 212 -18.50 32.46 -7.75
N ARG A 213 -18.44 31.20 -7.29
CA ARG A 213 -17.86 30.08 -8.10
C ARG A 213 -18.81 29.74 -9.26
N ARG A 214 -18.22 29.39 -10.40
CA ARG A 214 -18.88 28.72 -11.56
C ARG A 214 -19.82 27.62 -11.04
N ALA A 215 -21.01 27.52 -11.62
CA ALA A 215 -22.05 26.52 -11.27
C ALA A 215 -21.77 25.21 -12.00
N THR A 216 -21.74 24.11 -11.24
CA THR A 216 -21.43 22.73 -11.68
C THR A 216 -22.67 21.83 -11.53
N CYS A 217 -23.69 22.28 -10.81
CA CYS A 217 -24.93 21.55 -10.49
C CYS A 217 -26.16 22.44 -10.71
N PHE A 218 -27.29 21.79 -11.01
CA PHE A 218 -28.64 22.40 -11.16
C PHE A 218 -29.66 21.59 -10.35
N SER A 219 -30.61 22.30 -9.73
CA SER A 219 -31.77 21.73 -9.00
C SER A 219 -33.05 21.98 -9.81
N THR A 220 -33.72 20.92 -10.27
CA THR A 220 -35.06 21.00 -10.93
C THR A 220 -36.12 21.46 -9.90
N ALA A 221 -36.04 20.94 -8.67
CA ALA A 221 -36.95 21.24 -7.53
C ALA A 221 -37.03 22.76 -7.28
N SER A 222 -35.89 23.48 -7.30
CA SER A 222 -35.81 24.93 -6.94
C SER A 222 -35.42 25.83 -8.13
N ASP A 223 -35.09 25.27 -9.29
CA ASP A 223 -34.59 26.01 -10.49
C ASP A 223 -33.42 26.91 -10.09
N THR A 224 -32.45 26.37 -9.36
CA THR A 224 -31.23 27.11 -8.88
C THR A 224 -29.95 26.37 -9.27
N TYR A 225 -28.85 27.12 -9.31
CA TYR A 225 -27.49 26.69 -9.75
C TYR A 225 -26.52 26.70 -8.58
N ALA A 226 -25.67 25.67 -8.45
CA ALA A 226 -24.66 25.54 -7.38
C ALA A 226 -23.29 25.10 -7.94
N CYS A 227 -22.23 25.54 -7.27
CA CYS A 227 -20.86 24.97 -7.30
C CYS A 227 -20.87 23.62 -6.58
N TRP A 228 -19.72 22.93 -6.51
CA TRP A 228 -19.55 21.62 -5.83
C TRP A 228 -19.79 21.73 -4.33
N HIS A 229 -19.52 22.90 -3.73
CA HIS A 229 -19.57 23.09 -2.25
C HIS A 229 -21.00 23.24 -1.76
N HIS A 230 -21.92 23.69 -2.62
CA HIS A 230 -23.25 24.22 -2.23
C HIS A 230 -24.34 23.39 -2.93
N SER A 231 -24.09 22.10 -3.19
CA SER A 231 -24.89 21.26 -4.12
C SER A 231 -25.77 20.28 -3.34
N ILE A 232 -25.93 20.47 -2.03
CA ILE A 232 -26.40 19.42 -1.08
C ILE A 232 -27.70 18.77 -1.59
N GLY A 233 -28.67 19.55 -2.09
CA GLY A 233 -29.95 18.99 -2.56
C GLY A 233 -29.90 18.41 -3.98
N PHE A 234 -28.93 18.83 -4.78
CA PHE A 234 -29.09 19.03 -6.24
C PHE A 234 -29.05 17.70 -6.99
N ASP A 235 -29.69 17.68 -8.17
CA ASP A 235 -30.08 16.44 -8.90
C ASP A 235 -29.47 16.39 -10.32
N TYR A 236 -29.01 17.51 -10.90
CA TYR A 236 -28.43 17.55 -12.28
C TYR A 236 -27.00 18.10 -12.27
N VAL A 237 -26.10 17.44 -13.01
CA VAL A 237 -24.74 17.95 -13.31
C VAL A 237 -24.90 19.01 -14.38
N TYR A 238 -24.42 20.25 -14.13
CA TYR A 238 -24.53 21.39 -15.05
C TYR A 238 -23.20 21.65 -15.76
N ASN A 239 -23.24 21.74 -17.10
CA ASN A 239 -22.13 22.09 -18.01
C ASN A 239 -20.89 21.26 -17.67
N PRO A 240 -20.97 19.91 -17.65
CA PRO A 240 -19.78 19.08 -17.53
C PRO A 240 -19.05 19.16 -18.88
N PHE A 241 -17.72 19.09 -18.85
CA PHE A 241 -16.88 18.94 -20.05
C PHE A 241 -16.57 17.46 -20.23
N MET A 242 -16.08 17.08 -21.41
CA MET A 242 -15.71 15.68 -21.70
C MET A 242 -14.67 15.60 -22.83
N ILE A 243 -14.01 14.45 -22.91
CA ILE A 243 -13.09 14.10 -24.01
C ILE A 243 -13.23 12.61 -24.31
N ASP A 244 -13.18 12.24 -25.60
CA ASP A 244 -13.12 10.82 -26.08
C ASP A 244 -11.66 10.53 -26.38
N VAL A 245 -11.10 9.55 -25.67
CA VAL A 245 -9.66 9.18 -25.72
C VAL A 245 -9.37 8.47 -27.07
N GLN A 246 -10.34 7.72 -27.60
CA GLN A 246 -10.31 7.06 -28.95
C GLN A 246 -9.97 8.09 -30.05
N GLN A 247 -10.36 9.36 -29.89
CA GLN A 247 -10.13 10.45 -30.88
C GLN A 247 -8.65 10.84 -30.95
N TRP A 248 -7.81 10.29 -30.07
CA TRP A 248 -6.34 10.52 -30.07
C TRP A 248 -5.63 9.46 -30.93
N GLY A 249 -6.38 8.53 -31.54
CA GLY A 249 -5.88 7.66 -32.63
C GLY A 249 -5.36 6.35 -32.09
N PHE A 250 -6.24 5.56 -31.49
CA PHE A 250 -5.93 4.23 -30.91
C PHE A 250 -6.63 3.13 -31.73
N THR A 251 -5.83 2.35 -32.47
CA THR A 251 -6.23 1.02 -33.00
C THR A 251 -6.27 0.04 -31.82
N GLY A 252 -7.17 -0.95 -31.88
CA GLY A 252 -7.45 -1.87 -30.77
C GLY A 252 -8.54 -1.33 -29.87
N ASN A 253 -8.94 -2.12 -28.87
CA ASN A 253 -9.95 -1.75 -27.84
C ASN A 253 -9.25 -1.10 -26.64
N LEU A 254 -10.03 -0.66 -25.65
CA LEU A 254 -9.54 -0.06 -24.37
C LEU A 254 -8.58 -1.03 -23.68
N GLN A 255 -9.01 -2.28 -23.45
CA GLN A 255 -8.26 -3.34 -22.74
C GLN A 255 -6.84 -3.47 -23.29
N SER A 256 -6.70 -3.60 -24.60
CA SER A 256 -5.42 -3.90 -25.28
C SER A 256 -4.45 -2.73 -25.05
N ASN A 257 -4.94 -1.50 -25.18
CA ASN A 257 -4.11 -0.27 -25.13
C ASN A 257 -3.75 0.09 -23.69
N HIS A 258 -4.68 -0.08 -22.75
CA HIS A 258 -4.46 0.14 -21.29
C HIS A 258 -3.36 -0.79 -20.78
N ASP A 259 -3.50 -2.09 -21.09
CA ASP A 259 -2.60 -3.17 -20.66
C ASP A 259 -1.19 -3.00 -21.25
N LEU A 260 -1.01 -2.18 -22.31
CA LEU A 260 0.35 -1.85 -22.85
C LEU A 260 1.23 -1.21 -21.76
N TYR A 261 0.65 -0.38 -20.89
CA TYR A 261 1.42 0.52 -19.99
C TYR A 261 1.10 0.29 -18.51
N CYS A 262 0.17 -0.62 -18.19
CA CYS A 262 -0.40 -0.73 -16.84
C CYS A 262 -0.81 -2.17 -16.57
N GLN A 263 -0.29 -2.73 -15.47
CA GLN A 263 -0.50 -4.14 -15.03
C GLN A 263 -1.35 -4.14 -13.75
N VAL A 264 -1.88 -2.99 -13.34
CA VAL A 264 -2.50 -2.81 -12.00
C VAL A 264 -4.04 -2.86 -12.09
N HIS A 265 -4.64 -2.55 -13.25
CA HIS A 265 -6.12 -2.53 -13.42
C HIS A 265 -6.54 -3.73 -14.28
N GLY A 266 -7.03 -4.79 -13.64
CA GLY A 266 -7.62 -5.97 -14.30
C GLY A 266 -9.10 -5.74 -14.59
N ASN A 267 -9.58 -6.17 -15.76
CA ASN A 267 -10.98 -5.98 -16.20
C ASN A 267 -11.86 -7.04 -15.55
N ALA A 268 -12.30 -6.79 -14.31
CA ALA A 268 -13.53 -7.37 -13.73
C ALA A 268 -14.71 -6.75 -14.50
N HIS A 269 -15.42 -7.55 -15.31
CA HIS A 269 -16.35 -7.08 -16.38
C HIS A 269 -17.44 -6.17 -15.78
N VAL A 270 -17.11 -4.90 -15.47
CA VAL A 270 -18.05 -3.83 -14.98
C VAL A 270 -17.63 -2.45 -15.53
N ALA A 271 -18.54 -1.48 -15.45
CA ALA A 271 -18.44 -0.13 -16.04
C ALA A 271 -17.32 0.69 -15.37
N SER A 272 -17.22 0.65 -14.04
CA SER A 272 -16.20 1.39 -13.25
C SER A 272 -14.78 0.97 -13.69
N CYS A 273 -14.55 -0.32 -13.91
CA CYS A 273 -13.23 -0.89 -14.37
C CYS A 273 -12.82 -0.25 -15.70
N ASP A 274 -13.77 -0.08 -16.62
CA ASP A 274 -13.55 0.61 -17.92
C ASP A 274 -13.27 2.09 -17.67
N ALA A 275 -13.99 2.72 -16.76
CA ALA A 275 -13.83 4.15 -16.38
C ALA A 275 -12.42 4.36 -15.84
N ILE A 276 -11.99 3.47 -14.93
CA ILE A 276 -10.64 3.46 -14.29
C ILE A 276 -9.57 3.30 -15.37
N MET A 277 -9.68 2.25 -16.20
CA MET A 277 -8.71 1.92 -17.29
C MET A 277 -8.58 3.10 -18.27
N THR A 278 -9.70 3.76 -18.59
CA THR A 278 -9.77 4.85 -19.60
C THR A 278 -9.04 6.09 -19.05
N ARG A 279 -9.31 6.44 -17.79
CA ARG A 279 -8.64 7.56 -17.10
C ARG A 279 -7.15 7.22 -16.97
N CYS A 280 -6.79 5.98 -16.61
CA CYS A 280 -5.38 5.49 -16.53
C CYS A 280 -4.68 5.72 -17.87
N LEU A 281 -5.30 5.30 -18.96
CA LEU A 281 -4.73 5.40 -20.34
C LEU A 281 -4.46 6.88 -20.68
N ALA A 282 -5.44 7.77 -20.45
CA ALA A 282 -5.35 9.23 -20.69
C ALA A 282 -4.19 9.81 -19.88
N VAL A 283 -4.11 9.43 -18.61
CA VAL A 283 -2.99 9.85 -17.73
C VAL A 283 -1.67 9.37 -18.35
N HIS A 284 -1.59 8.13 -18.86
CA HIS A 284 -0.35 7.62 -19.52
C HIS A 284 0.02 8.53 -20.70
N GLU A 285 -0.94 8.82 -21.57
CA GLU A 285 -0.70 9.61 -22.82
C GLU A 285 -0.29 11.05 -22.50
N CYS A 286 -0.79 11.62 -21.40
CA CYS A 286 -0.66 13.08 -21.13
C CYS A 286 0.51 13.40 -20.17
N PHE A 287 0.93 12.50 -19.28
CA PHE A 287 1.85 12.87 -18.16
C PHE A 287 3.08 11.96 -18.03
N VAL A 288 3.03 10.68 -18.41
CA VAL A 288 4.10 9.73 -18.04
C VAL A 288 5.39 10.07 -18.80
N LYS A 289 5.29 10.50 -20.07
CA LYS A 289 6.47 10.64 -20.98
C LYS A 289 7.45 11.71 -20.44
N ARG A 290 6.94 12.87 -20.03
CA ARG A 290 7.79 14.00 -19.61
C ARG A 290 6.96 14.99 -18.80
N VAL A 291 7.65 15.85 -18.04
CA VAL A 291 7.05 17.03 -17.37
C VAL A 291 6.84 18.11 -18.42
N ASP A 292 5.68 18.74 -18.43
CA ASP A 292 5.42 19.99 -19.20
C ASP A 292 5.65 21.16 -18.25
N TRP A 293 6.81 21.81 -18.37
CA TRP A 293 7.22 22.94 -17.50
C TRP A 293 6.37 24.19 -17.76
N THR A 294 5.73 24.26 -18.91
CA THR A 294 5.03 25.47 -19.40
C THR A 294 3.62 25.53 -18.79
N ILE A 295 3.08 24.39 -18.34
CA ILE A 295 1.75 24.30 -17.67
C ILE A 295 1.93 24.31 -16.15
N GLU A 296 1.23 25.25 -15.50
CA GLU A 296 1.23 25.51 -14.04
C GLU A 296 -0.20 25.32 -13.53
N TYR A 297 -0.37 24.86 -12.29
CA TYR A 297 -1.68 24.52 -11.69
C TYR A 297 -1.94 25.42 -10.49
N PRO A 298 -3.20 25.86 -10.26
CA PRO A 298 -3.49 26.72 -9.12
C PRO A 298 -3.15 26.06 -7.78
N ILE A 299 -2.81 26.88 -6.80
CA ILE A 299 -2.63 26.48 -5.38
C ILE A 299 -3.99 26.06 -4.81
N ILE A 300 -4.10 24.83 -4.29
CA ILE A 300 -5.38 24.28 -3.74
C ILE A 300 -5.19 23.78 -2.30
N GLY A 301 -3.97 23.76 -1.79
CA GLY A 301 -3.65 23.27 -0.44
C GLY A 301 -2.41 23.97 0.10
N ASP A 302 -1.45 23.22 0.61
CA ASP A 302 -0.23 23.71 1.32
C ASP A 302 1.01 23.77 0.41
N GLU A 303 0.85 23.87 -0.92
CA GLU A 303 1.97 23.76 -1.89
C GLU A 303 3.17 24.62 -1.44
N LEU A 304 2.93 25.89 -1.10
CA LEU A 304 4.03 26.88 -0.90
C LEU A 304 4.87 26.48 0.31
N LYS A 305 4.22 26.15 1.43
CA LYS A 305 4.88 25.72 2.69
C LYS A 305 5.61 24.39 2.46
N ILE A 306 4.94 23.42 1.83
CA ILE A 306 5.54 22.08 1.50
C ILE A 306 6.82 22.32 0.69
N ASN A 307 6.73 23.13 -0.37
CA ASN A 307 7.84 23.33 -1.33
C ASN A 307 8.98 24.10 -0.65
N ALA A 308 8.68 25.10 0.16
CA ALA A 308 9.68 25.90 0.91
C ALA A 308 10.43 24.97 1.88
N ALA A 309 9.69 24.12 2.59
CA ALA A 309 10.24 23.17 3.57
C ALA A 309 11.14 22.15 2.87
N CYS A 310 10.69 21.56 1.77
CA CYS A 310 11.47 20.58 0.97
C CYS A 310 12.81 21.19 0.53
N ARG A 311 12.81 22.45 0.11
CA ARG A 311 14.04 23.10 -0.41
C ARG A 311 15.00 23.40 0.74
N LYS A 312 14.49 23.84 1.90
CA LYS A 312 15.28 24.00 3.15
C LYS A 312 16.02 22.69 3.45
N VAL A 313 15.26 21.59 3.51
CA VAL A 313 15.81 20.24 3.82
C VAL A 313 16.81 19.84 2.72
N GLN A 314 16.52 20.13 1.46
CA GLN A 314 17.43 19.74 0.36
C GLN A 314 18.79 20.40 0.58
N HIS A 315 18.81 21.70 0.88
CA HIS A 315 20.03 22.52 1.09
C HIS A 315 20.85 21.91 2.24
N MET A 316 20.23 21.78 3.39
CA MET A 316 20.82 21.20 4.62
C MET A 316 21.52 19.87 4.31
N VAL A 317 20.82 18.97 3.63
CA VAL A 317 21.23 17.55 3.47
C VAL A 317 22.40 17.45 2.49
N VAL A 318 22.35 18.20 1.39
CA VAL A 318 23.42 18.15 0.34
C VAL A 318 24.65 18.90 0.87
N LYS A 319 24.46 20.06 1.50
CA LYS A 319 25.52 20.80 2.23
C LYS A 319 26.24 19.84 3.19
N ALA A 320 25.47 19.21 4.09
CA ALA A 320 25.96 18.30 5.15
C ALA A 320 26.76 17.14 4.53
N ALA A 321 26.25 16.50 3.49
CA ALA A 321 26.90 15.34 2.85
C ALA A 321 28.24 15.76 2.24
N LEU A 322 28.30 16.93 1.61
CA LEU A 322 29.51 17.46 0.96
C LEU A 322 30.58 17.81 2.01
N LEU A 323 30.20 18.35 3.16
CA LEU A 323 31.14 18.60 4.29
C LEU A 323 31.64 17.26 4.84
N ALA A 324 30.74 16.33 5.14
CA ALA A 324 31.01 15.06 5.86
C ALA A 324 31.94 14.15 5.05
N ASP A 325 31.76 14.03 3.73
CA ASP A 325 32.51 13.05 2.91
C ASP A 325 33.37 13.72 1.83
N LYS A 326 33.30 15.05 1.67
CA LYS A 326 34.23 15.86 0.83
C LYS A 326 34.28 15.30 -0.60
N PHE A 327 33.14 15.03 -1.23
CA PHE A 327 33.07 14.44 -2.59
C PHE A 327 33.61 15.46 -3.59
N PRO A 328 34.52 15.08 -4.51
CA PRO A 328 35.05 16.02 -5.50
C PRO A 328 34.01 16.43 -6.55
N VAL A 329 33.03 15.56 -6.83
CA VAL A 329 32.00 15.76 -7.89
C VAL A 329 30.61 15.33 -7.37
N LEU A 330 29.58 16.09 -7.73
CA LEU A 330 28.15 15.75 -7.50
C LEU A 330 27.47 15.60 -8.85
N HIS A 331 26.88 14.42 -9.11
CA HIS A 331 26.08 14.11 -10.30
C HIS A 331 24.60 14.35 -9.97
N ASP A 332 24.05 15.48 -10.42
CA ASP A 332 22.66 15.91 -10.14
C ASP A 332 21.79 15.33 -11.25
N ILE A 333 21.25 14.14 -11.02
CA ILE A 333 20.49 13.36 -12.04
C ILE A 333 18.99 13.70 -11.88
N GLY A 334 18.39 14.25 -12.94
CA GLY A 334 17.01 14.75 -12.96
C GLY A 334 16.96 16.20 -12.53
N ASN A 335 17.86 17.02 -13.08
CA ASN A 335 17.88 18.49 -12.89
C ASN A 335 17.84 19.15 -14.27
N PRO A 336 16.64 19.51 -14.80
CA PRO A 336 16.51 20.10 -16.12
C PRO A 336 16.67 21.63 -16.23
N LYS A 337 17.00 22.33 -15.13
CA LYS A 337 17.11 23.82 -15.10
C LYS A 337 18.53 24.27 -14.71
N ALA A 338 19.42 23.35 -14.35
CA ALA A 338 20.84 23.62 -14.01
C ALA A 338 20.95 24.61 -12.85
N ILE A 339 20.14 24.40 -11.81
CA ILE A 339 20.17 25.20 -10.55
C ILE A 339 20.72 24.28 -9.47
N LYS A 340 21.81 24.71 -8.84
CA LYS A 340 22.41 24.02 -7.67
C LYS A 340 21.59 24.38 -6.43
N CYS A 341 21.30 23.40 -5.57
CA CYS A 341 20.59 23.63 -4.28
C CYS A 341 21.56 24.19 -3.22
N VAL A 342 22.87 24.11 -3.46
CA VAL A 342 23.96 24.67 -2.61
C VAL A 342 24.92 25.43 -3.52
N PRO A 343 24.60 26.68 -3.94
CA PRO A 343 25.41 27.40 -4.93
C PRO A 343 26.85 27.72 -4.48
N GLN A 344 27.07 27.81 -3.16
CA GLN A 344 28.40 28.10 -2.55
C GLN A 344 29.33 26.87 -2.63
N ALA A 345 28.81 25.66 -2.77
CA ALA A 345 29.54 24.40 -2.55
C ALA A 345 30.82 24.40 -3.39
N ASP A 346 31.95 24.09 -2.76
CA ASP A 346 33.25 23.81 -3.42
C ASP A 346 33.19 22.38 -3.95
N VAL A 347 32.61 22.17 -5.13
CA VAL A 347 32.43 20.82 -5.74
C VAL A 347 32.22 21.01 -7.24
N GLU A 348 32.62 20.04 -8.06
CA GLU A 348 32.21 20.04 -9.49
C GLU A 348 30.76 19.56 -9.55
N TRP A 349 29.85 20.42 -9.96
CA TRP A 349 28.40 20.14 -10.01
C TRP A 349 28.03 19.82 -11.46
N LYS A 350 27.69 18.57 -11.73
CA LYS A 350 27.33 18.07 -13.06
C LYS A 350 25.82 17.81 -13.06
N PHE A 351 25.15 18.25 -14.13
CA PHE A 351 23.68 18.16 -14.34
C PHE A 351 23.38 17.12 -15.42
N TYR A 352 22.32 16.34 -15.22
CA TYR A 352 21.74 15.38 -16.18
C TYR A 352 20.22 15.45 -16.07
N ASP A 353 19.51 15.13 -17.15
CA ASP A 353 18.04 14.96 -17.15
C ASP A 353 17.67 14.19 -18.43
N ALA A 354 16.58 13.45 -18.39
CA ALA A 354 15.95 12.84 -19.58
C ALA A 354 15.46 13.92 -20.54
N GLN A 355 15.03 15.10 -20.05
CA GLN A 355 14.41 16.19 -20.85
C GLN A 355 14.91 17.53 -20.34
N PRO A 356 16.16 17.94 -20.67
CA PRO A 356 16.67 19.25 -20.24
C PRO A 356 15.88 20.40 -20.88
N CYS A 357 15.65 21.49 -20.13
CA CYS A 357 15.01 22.72 -20.68
C CYS A 357 15.94 23.29 -21.76
N SER A 358 15.40 23.64 -22.91
CA SER A 358 16.10 24.22 -24.09
C SER A 358 17.15 25.25 -23.67
N ASP A 359 16.73 26.23 -22.87
CA ASP A 359 17.54 27.43 -22.49
C ASP A 359 18.78 27.05 -21.66
N LYS A 360 18.79 25.90 -20.98
CA LYS A 360 19.93 25.45 -20.13
C LYS A 360 20.56 24.15 -20.65
N ALA A 361 20.08 23.60 -21.77
CA ALA A 361 20.51 22.31 -22.35
C ALA A 361 22.04 22.26 -22.52
N TYR A 362 22.69 23.40 -22.79
CA TYR A 362 24.16 23.55 -22.92
C TYR A 362 24.89 23.09 -21.65
N LYS A 363 24.26 23.19 -20.48
CA LYS A 363 24.86 22.88 -19.14
C LYS A 363 24.47 21.48 -18.64
N ILE A 364 23.57 20.78 -19.34
CA ILE A 364 22.88 19.56 -18.85
C ILE A 364 23.05 18.44 -19.88
N GLU A 365 23.53 17.28 -19.46
CA GLU A 365 23.61 16.07 -20.30
C GLU A 365 22.23 15.40 -20.43
N GLU A 366 21.74 15.19 -21.65
CA GLU A 366 20.57 14.31 -21.90
C GLU A 366 20.94 12.88 -21.49
N LEU A 367 20.23 12.31 -20.52
CA LEU A 367 20.50 10.94 -20.00
C LEU A 367 19.22 10.38 -19.37
N PHE A 368 18.86 9.15 -19.72
CA PHE A 368 17.80 8.37 -19.04
C PHE A 368 18.47 7.34 -18.14
N TYR A 369 18.44 7.57 -16.82
CA TYR A 369 19.11 6.69 -15.83
C TYR A 369 18.26 5.45 -15.63
N SER A 370 18.88 4.30 -15.84
CA SER A 370 18.41 2.97 -15.39
C SER A 370 19.61 2.29 -14.74
N TYR A 371 19.38 1.55 -13.66
CA TYR A 371 20.43 0.81 -12.94
C TYR A 371 21.10 -0.16 -13.91
N ALA A 372 20.30 -0.90 -14.69
CA ALA A 372 20.77 -1.94 -15.63
C ALA A 372 21.70 -1.34 -16.69
N THR A 373 21.55 -0.05 -17.03
CA THR A 373 22.34 0.62 -18.10
C THR A 373 23.40 1.56 -17.52
N HIS A 374 23.40 1.87 -16.21
CA HIS A 374 24.39 2.82 -15.64
C HIS A 374 24.89 2.42 -14.26
N SER A 375 24.66 1.20 -13.75
CA SER A 375 25.13 0.76 -12.40
C SER A 375 26.65 0.90 -12.25
N ASP A 376 27.40 0.76 -13.35
CA ASP A 376 28.88 0.87 -13.39
C ASP A 376 29.33 2.30 -13.69
N LYS A 377 28.42 3.27 -13.78
CA LYS A 377 28.74 4.70 -14.10
C LYS A 377 28.59 5.54 -12.83
N PHE A 378 28.98 6.82 -12.90
CA PHE A 378 28.91 7.81 -11.79
C PHE A 378 29.58 7.24 -10.53
N THR A 379 30.73 6.58 -10.71
CA THR A 379 31.49 5.86 -9.65
C THR A 379 32.18 6.87 -8.74
N ASP A 380 32.57 8.02 -9.30
CA ASP A 380 33.25 9.13 -8.57
C ASP A 380 32.23 10.04 -7.88
N GLY A 381 32.59 10.56 -6.72
CA GLY A 381 31.75 11.49 -5.94
C GLY A 381 30.42 10.87 -5.55
N VAL A 382 29.35 11.67 -5.60
CA VAL A 382 27.99 11.34 -5.08
C VAL A 382 26.94 11.73 -6.14
N CYS A 383 25.92 10.91 -6.32
CA CYS A 383 24.74 11.18 -7.17
C CYS A 383 23.62 11.80 -6.33
N LEU A 384 23.03 12.90 -6.80
CA LEU A 384 21.80 13.50 -6.21
C LEU A 384 20.61 13.11 -7.11
N PHE A 385 19.65 12.39 -6.52
CA PHE A 385 18.33 12.07 -7.09
C PHE A 385 17.26 12.74 -6.22
N TRP A 386 17.06 14.05 -6.43
CA TRP A 386 16.00 14.83 -5.76
C TRP A 386 14.70 14.66 -6.54
N ASN A 387 13.91 13.64 -6.19
CA ASN A 387 12.62 13.30 -6.85
C ASN A 387 12.92 12.97 -8.32
N CYS A 388 14.00 12.23 -8.56
CA CYS A 388 14.30 11.54 -9.84
C CYS A 388 14.05 10.05 -9.62
N ASN A 389 12.87 9.56 -10.04
CA ASN A 389 12.31 8.29 -9.56
C ASN A 389 12.69 7.19 -10.53
N VAL A 390 13.94 6.74 -10.41
CA VAL A 390 14.56 5.67 -11.24
C VAL A 390 14.23 4.30 -10.63
N ASP A 391 14.49 3.24 -11.40
CA ASP A 391 14.16 1.83 -11.03
C ASP A 391 14.93 1.43 -9.77
N ARG A 392 16.23 1.73 -9.71
CA ARG A 392 17.12 1.39 -8.56
C ARG A 392 18.24 2.42 -8.49
N TYR A 393 18.50 2.93 -7.28
CA TYR A 393 19.54 3.95 -7.01
C TYR A 393 20.86 3.26 -6.73
N PRO A 394 22.01 3.79 -7.22
CA PRO A 394 23.31 3.25 -6.89
C PRO A 394 23.68 3.63 -5.46
N ALA A 395 24.71 2.95 -4.94
CA ALA A 395 25.16 2.99 -3.54
C ALA A 395 25.62 4.41 -3.14
N ASN A 396 26.12 5.22 -4.08
CA ASN A 396 26.69 6.57 -3.77
C ASN A 396 25.65 7.66 -4.07
N SER A 397 24.47 7.56 -3.46
CA SER A 397 23.31 8.44 -3.74
C SER A 397 22.84 9.19 -2.49
N ILE A 398 22.36 10.41 -2.73
CA ILE A 398 21.41 11.17 -1.87
C ILE A 398 20.06 11.18 -2.61
N VAL A 399 18.97 10.69 -1.99
CA VAL A 399 17.66 10.53 -2.68
C VAL A 399 16.56 11.18 -1.85
N CYS A 400 15.70 11.96 -2.52
CA CYS A 400 14.31 12.28 -2.09
C CYS A 400 13.34 11.55 -3.01
N ARG A 401 12.36 10.84 -2.45
CA ARG A 401 11.27 10.20 -3.22
C ARG A 401 9.92 10.40 -2.52
N PHE A 402 8.92 10.79 -3.29
CA PHE A 402 7.49 10.87 -2.89
C PHE A 402 6.85 9.49 -2.88
N ASP A 403 6.17 9.19 -1.79
CA ASP A 403 5.38 7.94 -1.60
C ASP A 403 4.01 8.14 -2.26
N THR A 404 3.79 7.45 -3.37
CA THR A 404 2.60 7.52 -4.25
C THR A 404 1.33 7.06 -3.50
N ARG A 405 1.45 6.36 -2.38
CA ARG A 405 0.32 5.83 -1.58
C ARG A 405 -0.26 6.90 -0.65
N VAL A 406 0.38 8.07 -0.54
CA VAL A 406 -0.06 9.19 0.35
C VAL A 406 -1.38 9.80 -0.17
N LEU A 407 -2.38 9.92 0.72
CA LEU A 407 -3.72 10.50 0.41
C LEU A 407 -3.60 12.02 0.53
N SER A 408 -3.91 12.75 -0.54
CA SER A 408 -3.77 14.23 -0.58
C SER A 408 -4.54 14.78 -1.78
N ASN A 409 -5.07 15.99 -1.66
CA ASN A 409 -5.69 16.75 -2.77
C ASN A 409 -4.63 17.03 -3.84
N LEU A 410 -3.33 17.05 -3.52
CA LEU A 410 -2.23 17.20 -4.53
C LEU A 410 -1.99 15.90 -5.31
N ASN A 411 -2.32 14.74 -4.75
CA ASN A 411 -1.89 13.42 -5.26
C ASN A 411 -3.09 12.64 -5.85
N LEU A 412 -3.17 12.58 -7.18
CA LEU A 412 -4.28 11.96 -7.96
C LEU A 412 -3.88 10.53 -8.35
N PRO A 413 -4.86 9.62 -8.55
CA PRO A 413 -4.56 8.26 -9.01
C PRO A 413 -3.82 8.30 -10.35
N GLY A 414 -2.83 7.42 -10.54
CA GLY A 414 -1.95 7.41 -11.72
C GLY A 414 -1.94 6.08 -12.46
N CYS A 415 -1.02 5.96 -13.41
CA CYS A 415 -0.81 4.76 -14.25
C CYS A 415 0.12 3.77 -13.52
N ASP A 416 -0.29 2.51 -13.43
CA ASP A 416 0.57 1.32 -13.15
C ASP A 416 1.03 1.33 -11.69
N GLY A 417 0.14 1.69 -10.76
CA GLY A 417 0.43 1.81 -9.31
C GLY A 417 1.07 3.13 -8.93
N GLY A 418 1.48 3.90 -9.94
CA GLY A 418 1.96 5.28 -9.76
C GLY A 418 0.82 6.23 -9.43
N SER A 419 1.17 7.49 -9.19
CA SER A 419 0.24 8.61 -8.90
C SER A 419 0.68 9.86 -9.68
N LEU A 420 -0.26 10.75 -9.99
CA LEU A 420 0.02 12.06 -10.62
C LEU A 420 -0.01 13.14 -9.51
N TYR A 421 1.18 13.57 -9.09
CA TYR A 421 1.40 14.60 -8.03
C TYR A 421 1.34 15.97 -8.70
N VAL A 422 0.21 16.68 -8.53
CA VAL A 422 0.02 18.03 -9.11
C VAL A 422 0.26 19.05 -7.99
N ASN A 423 1.44 19.66 -8.05
CA ASN A 423 1.91 20.71 -7.13
C ASN A 423 2.74 21.64 -8.00
N LYS A 424 2.15 22.78 -8.36
CA LYS A 424 2.70 23.80 -9.31
C LYS A 424 2.67 23.20 -10.72
N HIS A 425 3.35 22.08 -10.95
CA HIS A 425 3.34 21.32 -12.23
C HIS A 425 2.80 19.92 -11.96
N ALA A 426 2.57 19.13 -13.01
CA ALA A 426 2.03 17.77 -12.90
C ALA A 426 3.16 16.75 -13.05
N PHE A 427 3.45 15.98 -12.00
CA PHE A 427 4.60 15.05 -11.90
C PHE A 427 4.10 13.61 -11.78
N HIS A 428 4.03 12.88 -12.90
CA HIS A 428 3.70 11.44 -12.84
C HIS A 428 4.84 10.73 -12.11
N THR A 429 4.53 10.00 -11.04
CA THR A 429 5.49 9.34 -10.12
C THR A 429 5.29 7.84 -10.23
N PRO A 430 6.33 7.02 -10.48
CA PRO A 430 6.16 5.57 -10.49
C PRO A 430 5.88 5.09 -9.05
N ALA A 431 5.15 3.97 -8.94
CA ALA A 431 4.81 3.29 -7.68
C ALA A 431 6.02 3.27 -6.75
N PHE A 432 5.81 3.63 -5.49
CA PHE A 432 6.81 3.51 -4.40
C PHE A 432 7.16 2.03 -4.25
N ASP A 433 8.43 1.68 -4.40
CA ASP A 433 8.95 0.28 -4.37
C ASP A 433 10.22 0.29 -3.53
N LYS A 434 10.21 -0.38 -2.36
CA LYS A 434 11.34 -0.43 -1.39
C LYS A 434 12.61 -1.03 -2.02
N SER A 435 12.45 -1.95 -2.99
CA SER A 435 13.58 -2.62 -3.71
C SER A 435 14.47 -1.60 -4.43
N ALA A 436 13.95 -0.40 -4.74
CA ALA A 436 14.73 0.72 -5.34
C ALA A 436 15.82 1.21 -4.38
N PHE A 437 15.61 1.08 -3.06
CA PHE A 437 16.49 1.66 -2.01
C PHE A 437 17.45 0.61 -1.44
N VAL A 438 17.67 -0.51 -2.14
CA VAL A 438 18.36 -1.70 -1.55
C VAL A 438 19.83 -1.37 -1.27
N ASN A 439 20.44 -0.49 -2.06
CA ASN A 439 21.86 -0.06 -1.88
C ASN A 439 22.02 1.12 -0.91
N LEU A 440 20.94 1.57 -0.24
CA LEU A 440 20.96 2.79 0.60
C LEU A 440 20.34 2.52 1.97
N LYS A 441 20.45 3.49 2.88
CA LYS A 441 19.75 3.51 4.19
C LYS A 441 18.90 4.79 4.31
N GLN A 442 17.95 4.79 5.24
CA GLN A 442 17.14 5.98 5.57
C GLN A 442 18.08 7.02 6.18
N LEU A 443 17.96 8.28 5.74
CA LEU A 443 18.69 9.43 6.31
C LEU A 443 18.12 9.75 7.70
N PRO A 444 18.92 9.73 8.79
CA PRO A 444 18.40 10.17 10.09
C PRO A 444 18.23 11.70 10.10
N PHE A 445 17.32 12.18 10.95
CA PHE A 445 17.15 13.62 11.25
C PHE A 445 18.43 14.16 11.89
N PHE A 446 18.80 15.38 11.52
CA PHE A 446 19.76 16.27 12.21
C PHE A 446 19.58 17.71 11.71
N TYR A 447 20.07 18.66 12.50
CA TYR A 447 20.28 20.07 12.11
C TYR A 447 21.80 20.31 12.18
N TYR A 448 22.41 20.84 11.12
CA TYR A 448 23.83 21.27 11.10
C TYR A 448 23.90 22.75 10.72
N SER A 449 24.61 23.55 11.54
CA SER A 449 24.97 24.95 11.24
C SER A 449 26.42 25.20 11.66
N ASP A 450 27.22 25.65 10.69
CA ASP A 450 28.58 26.21 10.87
C ASP A 450 28.51 27.74 10.95
N SER A 451 27.31 28.32 10.95
CA SER A 451 27.11 29.79 11.00
C SER A 451 27.53 30.29 12.38
N PRO A 452 27.84 31.60 12.51
CA PRO A 452 28.15 32.19 13.81
C PRO A 452 27.00 32.03 14.82
N CYS A 453 27.38 31.81 16.08
CA CYS A 453 26.47 31.64 17.24
C CYS A 453 25.94 33.02 17.69
N GLU A 454 24.81 33.06 18.39
CA GLU A 454 24.19 34.31 18.94
C GLU A 454 23.24 33.96 20.08
N VAL A 467 13.87 28.01 27.85
CA VAL A 467 13.67 26.55 27.65
C VAL A 467 14.92 25.97 26.98
N PRO A 468 15.91 25.41 27.72
CA PRO A 468 17.19 25.00 27.13
C PRO A 468 17.08 23.72 26.28
N LEU A 469 17.85 23.63 25.19
CA LEU A 469 17.75 22.54 24.18
C LEU A 469 18.84 21.50 24.46
N LYS A 470 18.44 20.26 24.75
CA LYS A 470 19.32 19.09 24.96
C LYS A 470 19.02 18.05 23.89
N SER A 471 19.75 18.09 22.77
CA SER A 471 19.57 17.16 21.63
C SER A 471 20.91 16.79 20.98
N ALA A 472 21.13 15.50 20.76
CA ALA A 472 22.30 14.94 20.04
C ALA A 472 22.20 15.24 18.53
N THR A 473 21.04 15.74 18.07
CA THR A 473 20.71 16.00 16.63
C THR A 473 20.96 17.46 16.24
N CYS A 474 21.29 18.33 17.21
CA CYS A 474 21.71 19.75 16.98
C CYS A 474 23.25 19.81 16.87
N ILE A 475 23.76 19.69 15.64
CA ILE A 475 25.22 19.70 15.34
C ILE A 475 25.62 21.16 15.10
N THR A 476 25.87 21.90 16.17
CA THR A 476 26.33 23.30 16.17
C THR A 476 27.52 23.45 17.13
N ARG A 477 28.29 24.54 16.97
CA ARG A 477 29.48 24.89 17.80
C ARG A 477 29.08 24.96 19.28
N CYS A 478 27.96 25.60 19.58
CA CYS A 478 27.48 25.82 20.97
C CYS A 478 27.07 24.51 21.63
N ASN A 479 26.49 23.56 20.88
CA ASN A 479 26.06 22.24 21.46
C ASN A 479 27.28 21.38 21.78
N LEU A 480 28.37 21.55 21.02
CA LEU A 480 29.68 20.89 21.29
C LEU A 480 30.15 21.29 22.70
N GLY A 481 29.97 22.58 23.06
CA GLY A 481 30.30 23.11 24.39
C GLY A 481 29.07 23.32 25.25
N GLY A 482 28.47 22.23 25.75
CA GLY A 482 27.40 22.25 26.79
C GLY A 482 26.06 22.78 26.26
N ALA A 483 25.87 24.11 26.30
CA ALA A 483 24.57 24.80 26.12
C ALA A 483 24.47 25.48 24.75
N VAL A 484 23.28 25.43 24.12
CA VAL A 484 23.01 25.87 22.72
C VAL A 484 22.65 27.35 22.73
N CYS A 485 23.12 28.14 21.75
CA CYS A 485 22.84 29.60 21.65
C CYS A 485 21.41 29.82 21.14
N ARG A 486 20.82 30.98 21.45
CA ARG A 486 19.39 31.32 21.18
C ARG A 486 19.09 31.26 19.66
N HIS A 487 20.03 31.71 18.82
CA HIS A 487 19.90 31.69 17.33
C HIS A 487 19.77 30.25 16.82
N HIS A 488 20.78 29.41 17.06
CA HIS A 488 20.84 27.99 16.62
C HIS A 488 19.65 27.18 17.21
N ALA A 489 19.22 27.48 18.45
CA ALA A 489 18.05 26.84 19.10
C ALA A 489 16.76 27.19 18.34
N ASN A 490 16.67 28.43 17.83
CA ASN A 490 15.50 28.94 17.07
C ASN A 490 15.48 28.28 15.70
N GLU A 491 16.62 28.32 14.99
CA GLU A 491 16.82 27.74 13.64
C GLU A 491 16.59 26.23 13.69
N TYR A 492 17.01 25.57 14.77
CA TYR A 492 16.78 24.12 15.01
C TYR A 492 15.28 23.84 14.93
N ARG A 493 14.50 24.63 15.65
CA ARG A 493 13.02 24.42 15.78
C ARG A 493 12.35 24.71 14.43
N LEU A 494 12.80 25.72 13.69
CA LEU A 494 12.27 26.04 12.34
C LEU A 494 12.56 24.87 11.38
N TYR A 495 13.74 24.25 11.51
CA TYR A 495 14.20 23.14 10.64
C TYR A 495 13.39 21.88 10.96
N LEU A 496 13.24 21.56 12.25
CA LEU A 496 12.43 20.41 12.71
C LEU A 496 11.00 20.55 12.16
N ASP A 497 10.45 21.77 12.22
CA ASP A 497 9.11 22.09 11.66
C ASP A 497 9.10 21.75 10.16
N ALA A 498 10.13 22.18 9.41
CA ALA A 498 10.23 21.98 7.94
C ALA A 498 10.38 20.47 7.62
N TYR A 499 11.27 19.77 8.34
CA TYR A 499 11.46 18.30 8.19
C TYR A 499 10.11 17.59 8.41
N ASN A 500 9.39 17.93 9.49
CA ASN A 500 8.08 17.31 9.81
C ASN A 500 7.08 17.60 8.68
N MET A 501 7.06 18.82 8.15
CA MET A 501 6.17 19.24 7.03
C MET A 501 6.43 18.32 5.83
N MET A 502 7.71 18.09 5.53
CA MET A 502 8.17 17.31 4.36
C MET A 502 7.74 15.86 4.50
N ILE A 503 7.93 15.26 5.68
CA ILE A 503 7.56 13.84 5.96
C ILE A 503 6.04 13.66 5.86
N SER A 504 5.25 14.54 6.49
CA SER A 504 3.77 14.46 6.46
C SER A 504 3.25 14.70 5.03
N ALA A 505 3.99 15.42 4.19
CA ALA A 505 3.63 15.67 2.78
C ALA A 505 3.91 14.45 1.90
N GLY A 506 4.62 13.43 2.41
CA GLY A 506 4.78 12.12 1.77
C GLY A 506 6.15 11.89 1.13
N PHE A 507 7.16 12.69 1.50
CA PHE A 507 8.55 12.60 0.98
C PHE A 507 9.42 11.83 1.99
N SER A 508 10.30 10.98 1.49
CA SER A 508 11.26 10.17 2.28
C SER A 508 12.68 10.45 1.76
N LEU A 509 13.67 10.37 2.66
CA LEU A 509 15.09 10.67 2.42
C LEU A 509 15.94 9.43 2.67
N TRP A 510 16.79 9.12 1.70
CA TRP A 510 17.70 7.96 1.65
C TRP A 510 19.11 8.46 1.38
N VAL A 511 20.11 7.74 1.89
CA VAL A 511 21.54 8.15 1.76
C VAL A 511 22.42 6.92 1.67
N TYR A 512 23.59 7.07 1.03
CA TYR A 512 24.69 6.08 0.99
C TYR A 512 24.94 5.51 2.39
N LYS A 513 25.16 4.20 2.50
CA LYS A 513 25.23 3.45 3.78
C LYS A 513 26.32 3.98 4.72
N GLN A 514 27.35 4.65 4.22
CA GLN A 514 28.55 5.07 5.03
C GLN A 514 28.36 6.51 5.53
N PHE A 515 27.22 7.16 5.25
CA PHE A 515 26.89 8.50 5.82
C PHE A 515 26.76 8.40 7.35
N ASP A 516 27.40 9.32 8.09
CA ASP A 516 27.30 9.44 9.56
C ASP A 516 27.50 10.91 9.95
N THR A 517 26.91 11.35 11.05
CA THR A 517 26.97 12.74 11.56
C THR A 517 28.26 12.96 12.37
N TYR A 518 28.95 11.88 12.76
CA TYR A 518 30.30 11.90 13.37
C TYR A 518 31.21 12.85 12.59
N ASN A 519 31.21 12.75 11.26
CA ASN A 519 32.11 13.53 10.38
C ASN A 519 31.72 15.01 10.36
N LEU A 520 30.46 15.35 10.66
CA LEU A 520 29.99 16.77 10.77
C LEU A 520 30.46 17.36 12.10
N TRP A 521 30.54 16.54 13.16
CA TRP A 521 31.07 16.96 14.49
C TRP A 521 32.54 17.39 14.35
N ASN A 522 33.31 16.72 13.48
CA ASN A 522 34.74 17.02 13.18
C ASN A 522 34.91 18.38 12.50
N THR A 523 33.91 18.89 11.78
CA THR A 523 34.01 20.13 10.98
C THR A 523 34.27 21.36 11.88
N PHE A 524 33.99 21.28 13.18
CA PHE A 524 34.12 22.41 14.14
C PHE A 524 35.57 22.51 14.66
N THR B 26 -9.12 -37.11 13.85
CA THR B 26 -8.40 -37.64 12.64
C THR B 26 -8.81 -36.87 11.39
N HIS B 27 -10.11 -36.54 11.22
CA HIS B 27 -10.69 -35.98 9.98
C HIS B 27 -12.14 -35.51 10.20
N LEU B 28 -12.78 -35.01 9.15
CA LEU B 28 -14.25 -34.78 9.05
C LEU B 28 -14.87 -36.01 8.41
N SER B 29 -15.59 -36.83 9.21
CA SER B 29 -16.34 -38.04 8.77
C SER B 29 -17.22 -37.69 7.57
N VAL B 30 -17.06 -38.40 6.45
CA VAL B 30 -17.87 -38.24 5.20
C VAL B 30 -19.37 -38.40 5.51
N ASP B 31 -19.71 -39.05 6.62
CA ASP B 31 -21.10 -39.29 7.09
C ASP B 31 -21.72 -37.99 7.63
N THR B 32 -20.94 -36.97 8.02
CA THR B 32 -21.44 -35.69 8.58
C THR B 32 -22.52 -35.09 7.65
N LYS B 33 -23.63 -34.61 8.23
CA LYS B 33 -24.74 -33.90 7.53
C LYS B 33 -24.17 -32.68 6.78
N PHE B 34 -24.75 -32.33 5.62
CA PHE B 34 -24.41 -31.14 4.81
C PHE B 34 -25.70 -30.34 4.54
N LYS B 35 -25.85 -29.18 5.20
CA LYS B 35 -26.98 -28.23 5.00
C LYS B 35 -27.03 -27.85 3.51
N THR B 36 -28.15 -28.14 2.84
CA THR B 36 -28.39 -27.89 1.39
C THR B 36 -29.15 -26.56 1.19
N GLU B 37 -29.51 -25.85 2.26
CA GLU B 37 -30.38 -24.64 2.24
C GLU B 37 -29.75 -23.56 1.35
N GLY B 38 -28.42 -23.48 1.29
CA GLY B 38 -27.68 -22.45 0.53
C GLY B 38 -27.53 -22.75 -0.97
N LEU B 39 -27.93 -23.93 -1.43
CA LEU B 39 -27.72 -24.39 -2.84
C LEU B 39 -28.95 -24.04 -3.67
N CYS B 40 -28.79 -23.29 -4.77
CA CYS B 40 -29.84 -23.02 -5.79
C CYS B 40 -29.75 -24.07 -6.92
N VAL B 41 -30.02 -25.34 -6.59
CA VAL B 41 -30.08 -26.52 -7.50
C VAL B 41 -30.64 -27.72 -6.72
N LYS B 48 -33.95 -35.16 1.50
CA LYS B 48 -32.85 -34.19 1.25
C LYS B 48 -32.05 -33.93 2.54
N ASP B 49 -31.90 -34.94 3.42
CA ASP B 49 -30.93 -34.98 4.53
C ASP B 49 -29.62 -35.58 3.98
N MET B 50 -28.91 -34.78 3.18
CA MET B 50 -27.69 -35.17 2.42
C MET B 50 -26.46 -35.17 3.34
N THR B 51 -25.45 -35.99 3.02
CA THR B 51 -24.13 -36.05 3.71
C THR B 51 -23.02 -35.65 2.73
N TYR B 52 -21.78 -35.60 3.20
CA TYR B 52 -20.57 -35.35 2.38
C TYR B 52 -20.32 -36.54 1.45
N ARG B 53 -20.43 -37.78 1.95
CA ARG B 53 -20.22 -39.04 1.15
C ARG B 53 -21.10 -38.97 -0.11
N ARG B 54 -22.41 -38.69 0.07
CA ARG B 54 -23.40 -38.57 -1.04
C ARG B 54 -22.95 -37.43 -1.96
N LEU B 55 -22.68 -36.25 -1.41
CA LEU B 55 -22.34 -34.98 -2.14
C LEU B 55 -21.12 -35.19 -3.05
N ILE B 56 -20.10 -35.91 -2.58
CA ILE B 56 -18.85 -36.18 -3.35
C ILE B 56 -19.17 -37.05 -4.56
N SER B 57 -20.04 -38.07 -4.42
CA SER B 57 -20.57 -38.92 -5.54
C SER B 57 -21.23 -38.03 -6.58
N MET B 58 -22.07 -37.08 -6.14
CA MET B 58 -22.86 -36.19 -7.02
C MET B 58 -21.91 -35.25 -7.78
N MET B 59 -20.78 -34.88 -7.17
CA MET B 59 -19.74 -33.98 -7.78
C MET B 59 -18.93 -34.72 -8.86
N GLY B 60 -18.88 -36.06 -8.81
CA GLY B 60 -18.31 -36.94 -9.84
C GLY B 60 -17.07 -37.67 -9.38
N PHE B 61 -16.98 -38.06 -8.09
CA PHE B 61 -15.75 -38.58 -7.44
C PHE B 61 -16.06 -39.79 -6.54
N LYS B 62 -15.21 -40.82 -6.60
CA LYS B 62 -15.38 -42.13 -5.90
C LYS B 62 -14.44 -42.17 -4.69
N MET B 63 -14.99 -42.00 -3.47
CA MET B 63 -14.25 -42.01 -2.18
C MET B 63 -13.97 -43.46 -1.77
N ASN B 64 -12.99 -44.10 -2.42
CA ASN B 64 -12.43 -45.43 -2.04
C ASN B 64 -11.18 -45.22 -1.18
N TYR B 65 -10.74 -43.97 -1.03
CA TYR B 65 -9.34 -43.57 -0.68
C TYR B 65 -9.21 -43.24 0.82
N GLN B 66 -10.27 -43.49 1.62
CA GLN B 66 -10.27 -43.41 3.11
C GLN B 66 -9.05 -44.15 3.67
N VAL B 67 -8.72 -45.34 3.13
CA VAL B 67 -7.63 -46.24 3.63
C VAL B 67 -6.23 -45.66 3.28
N ASN B 68 -6.12 -44.63 2.42
CA ASN B 68 -4.84 -44.18 1.79
C ASN B 68 -4.55 -42.69 2.08
N GLY B 69 -5.01 -42.16 3.22
CA GLY B 69 -4.62 -40.84 3.78
C GLY B 69 -5.41 -39.66 3.20
N TYR B 70 -6.57 -39.90 2.57
CA TYR B 70 -7.45 -38.85 1.99
C TYR B 70 -8.91 -39.21 2.31
N PRO B 71 -9.33 -39.16 3.60
CA PRO B 71 -10.65 -39.64 3.98
C PRO B 71 -11.86 -38.79 3.53
N ASN B 72 -11.63 -37.52 3.19
CA ASN B 72 -12.70 -36.54 2.81
C ASN B 72 -12.04 -35.38 2.04
N MET B 73 -12.70 -34.89 0.99
CA MET B 73 -12.27 -33.67 0.24
C MET B 73 -12.49 -32.44 1.14
N PHE B 74 -13.56 -32.47 1.94
CA PHE B 74 -13.93 -31.38 2.88
C PHE B 74 -13.22 -31.62 4.22
N ILE B 75 -12.83 -30.54 4.90
CA ILE B 75 -12.00 -30.61 6.15
C ILE B 75 -12.73 -29.85 7.25
N THR B 76 -12.38 -30.12 8.51
CA THR B 76 -12.86 -29.41 9.71
C THR B 76 -12.34 -27.98 9.67
N ARG B 77 -13.05 -27.03 10.28
CA ARG B 77 -12.59 -25.63 10.45
C ARG B 77 -11.23 -25.61 11.15
N GLU B 78 -11.03 -26.44 12.18
CA GLU B 78 -9.75 -26.60 12.92
C GLU B 78 -8.62 -26.96 11.95
N GLU B 79 -8.85 -27.91 11.03
CA GLU B 79 -7.85 -28.34 10.01
C GLU B 79 -7.61 -27.18 9.02
N ALA B 80 -8.66 -26.48 8.56
CA ALA B 80 -8.54 -25.31 7.66
C ALA B 80 -7.65 -24.23 8.30
N ILE B 81 -7.85 -23.96 9.59
CA ILE B 81 -7.07 -22.90 10.30
C ILE B 81 -5.59 -23.28 10.26
N ARG B 82 -5.27 -24.55 10.54
CA ARG B 82 -3.89 -25.10 10.49
C ARG B 82 -3.30 -24.89 9.09
N HIS B 83 -4.14 -24.89 8.05
CA HIS B 83 -3.71 -24.82 6.61
C HIS B 83 -4.13 -23.50 5.97
N VAL B 84 -4.12 -22.40 6.73
CA VAL B 84 -4.56 -21.07 6.25
C VAL B 84 -3.70 -20.61 5.07
N ARG B 85 -2.41 -20.94 5.05
CA ARG B 85 -1.51 -20.55 3.91
C ARG B 85 -2.01 -21.13 2.58
N ALA B 86 -2.80 -22.21 2.60
CA ALA B 86 -3.34 -22.92 1.40
C ALA B 86 -4.69 -22.36 0.93
N TRP B 87 -5.29 -21.40 1.66
CA TRP B 87 -6.65 -20.87 1.37
C TRP B 87 -6.65 -20.12 0.05
N ILE B 88 -7.48 -20.59 -0.89
CA ILE B 88 -7.82 -19.93 -2.18
C ILE B 88 -9.35 -19.89 -2.26
N GLY B 89 -9.92 -18.70 -2.27
CA GLY B 89 -11.36 -18.52 -2.53
C GLY B 89 -11.68 -19.03 -3.90
N PHE B 90 -12.79 -19.77 -4.05
CA PHE B 90 -13.28 -20.30 -5.35
C PHE B 90 -14.79 -20.10 -5.47
N ALA B 91 -15.22 -19.35 -6.49
CA ALA B 91 -16.65 -19.13 -6.83
C ALA B 91 -16.85 -19.27 -8.34
N VAL B 92 -18.09 -19.55 -8.75
CA VAL B 92 -18.54 -19.70 -10.16
C VAL B 92 -19.81 -18.87 -10.38
N ALA B 93 -19.95 -18.23 -11.54
CA ALA B 93 -21.13 -17.45 -11.97
C ALA B 93 -22.19 -18.39 -12.58
N LEU B 106 -23.98 -24.31 -21.68
CA LEU B 106 -23.75 -22.92 -21.18
C LEU B 106 -22.32 -22.81 -20.65
N PRO B 107 -21.62 -21.66 -20.84
CA PRO B 107 -20.28 -21.47 -20.29
C PRO B 107 -20.30 -21.03 -18.81
N LEU B 108 -19.33 -21.52 -18.02
CA LEU B 108 -19.08 -21.19 -16.59
C LEU B 108 -17.93 -20.19 -16.49
N GLN B 109 -18.11 -19.12 -15.71
CA GLN B 109 -16.99 -18.24 -15.26
C GLN B 109 -16.46 -18.77 -13.92
N LEU B 110 -15.20 -19.20 -13.89
CA LEU B 110 -14.49 -19.65 -12.65
C LEU B 110 -13.65 -18.49 -12.14
N GLY B 111 -13.82 -18.13 -10.85
CA GLY B 111 -13.11 -17.04 -10.16
C GLY B 111 -12.40 -17.50 -8.90
N PHE B 112 -11.26 -16.86 -8.57
CA PHE B 112 -10.35 -17.22 -7.46
C PHE B 112 -9.97 -15.98 -6.66
N SER B 113 -9.59 -16.15 -5.38
CA SER B 113 -9.22 -15.03 -4.48
C SER B 113 -7.94 -14.35 -4.98
N THR B 114 -7.19 -14.98 -5.90
CA THR B 114 -6.02 -14.39 -6.60
C THR B 114 -6.45 -13.30 -7.57
N GLY B 115 -7.76 -13.14 -7.84
CA GLY B 115 -8.30 -12.13 -8.75
C GLY B 115 -8.41 -12.64 -10.18
N VAL B 116 -7.98 -13.87 -10.45
CA VAL B 116 -8.06 -14.52 -11.78
C VAL B 116 -9.53 -14.92 -12.05
N ASN B 117 -9.99 -14.67 -13.27
CA ASN B 117 -11.28 -15.17 -13.83
C ASN B 117 -10.99 -15.90 -15.15
N LEU B 118 -11.55 -17.09 -15.32
CA LEU B 118 -11.41 -17.96 -16.52
C LEU B 118 -12.80 -18.48 -16.92
N VAL B 119 -13.14 -18.46 -18.22
CA VAL B 119 -14.45 -18.94 -18.77
C VAL B 119 -14.20 -20.22 -19.60
N ALA B 120 -14.89 -21.32 -19.24
CA ALA B 120 -14.84 -22.64 -19.92
C ALA B 120 -16.07 -22.81 -20.82
N VAL B 121 -15.93 -23.59 -21.90
CA VAL B 121 -16.99 -23.85 -22.93
C VAL B 121 -17.20 -25.37 -23.03
N PRO B 122 -18.46 -25.88 -22.87
CA PRO B 122 -18.75 -27.30 -23.09
C PRO B 122 -19.12 -27.58 -24.56
N GLY B 157 -14.91 -17.21 -23.97
CA GLY B 157 -14.80 -18.67 -24.12
C GLY B 157 -13.35 -19.16 -24.13
N LEU B 158 -13.10 -20.35 -23.57
CA LEU B 158 -11.78 -21.05 -23.65
C LEU B 158 -11.99 -22.54 -23.38
N PRO B 159 -11.29 -23.43 -24.12
CA PRO B 159 -11.44 -24.89 -23.89
C PRO B 159 -10.91 -25.35 -22.53
N TRP B 160 -11.55 -26.38 -21.96
CA TRP B 160 -11.28 -26.92 -20.61
C TRP B 160 -9.81 -27.35 -20.46
N ASN B 161 -9.22 -27.97 -21.50
CA ASN B 161 -7.81 -28.44 -21.52
C ASN B 161 -6.85 -27.27 -21.27
N VAL B 162 -7.19 -26.06 -21.76
CA VAL B 162 -6.39 -24.83 -21.61
C VAL B 162 -6.68 -24.22 -20.23
N VAL B 163 -7.96 -24.15 -19.86
CA VAL B 163 -8.46 -23.66 -18.54
C VAL B 163 -7.79 -24.48 -17.42
N ARG B 164 -7.78 -25.81 -17.52
CA ARG B 164 -7.24 -26.69 -16.43
C ARG B 164 -5.72 -26.48 -16.32
N ILE B 165 -5.03 -26.19 -17.43
CA ILE B 165 -3.56 -25.88 -17.44
C ILE B 165 -3.33 -24.53 -16.73
N LYS B 166 -4.16 -23.52 -17.00
CA LYS B 166 -4.04 -22.16 -16.41
C LYS B 166 -4.25 -22.24 -14.89
N ILE B 167 -5.25 -23.00 -14.44
CA ILE B 167 -5.60 -23.15 -13.00
C ILE B 167 -4.40 -23.74 -12.25
N VAL B 168 -3.85 -24.86 -12.73
CA VAL B 168 -2.68 -25.54 -12.10
C VAL B 168 -1.49 -24.54 -12.03
N GLN B 169 -1.29 -23.72 -13.07
CA GLN B 169 -0.19 -22.72 -13.15
C GLN B 169 -0.39 -21.64 -12.07
N MET B 170 -1.60 -21.11 -11.96
CA MET B 170 -1.96 -20.03 -11.00
C MET B 170 -1.77 -20.54 -9.56
N LEU B 171 -2.30 -21.72 -9.24
CA LEU B 171 -2.20 -22.30 -7.88
C LEU B 171 -0.74 -22.61 -7.56
N SER B 172 0.00 -23.23 -8.50
CA SER B 172 1.44 -23.54 -8.35
C SER B 172 2.21 -22.26 -8.00
N ASP B 173 1.93 -21.16 -8.72
CA ASP B 173 2.69 -19.88 -8.60
C ASP B 173 2.34 -19.21 -7.27
N THR B 174 1.08 -19.28 -6.85
CA THR B 174 0.59 -18.66 -5.60
C THR B 174 1.09 -19.44 -4.38
N LEU B 175 1.10 -20.77 -4.43
CA LEU B 175 1.18 -21.61 -3.21
C LEU B 175 2.57 -22.24 -3.02
N LYS B 176 3.41 -22.31 -4.05
CA LYS B 176 4.68 -23.09 -4.03
C LYS B 176 5.50 -22.75 -2.77
N ASN B 177 5.55 -21.48 -2.38
CA ASN B 177 6.38 -20.99 -1.24
C ASN B 177 5.53 -20.77 0.02
N LEU B 178 4.26 -21.19 0.05
CA LEU B 178 3.33 -21.03 1.20
C LEU B 178 2.93 -22.39 1.80
N SER B 179 2.51 -23.36 0.98
CA SER B 179 1.81 -24.59 1.43
C SER B 179 2.14 -25.80 0.55
N ASP B 180 1.90 -26.98 1.13
CA ASP B 180 2.03 -28.31 0.47
C ASP B 180 0.67 -28.76 -0.10
N ARG B 181 -0.35 -27.90 -0.07
CA ARG B 181 -1.72 -28.23 -0.54
C ARG B 181 -2.46 -26.96 -0.94
N VAL B 182 -3.73 -27.14 -1.29
CA VAL B 182 -4.71 -26.05 -1.53
C VAL B 182 -5.97 -26.39 -0.75
N VAL B 183 -6.60 -25.37 -0.15
CA VAL B 183 -7.96 -25.42 0.45
C VAL B 183 -8.81 -24.44 -0.35
N PHE B 184 -9.71 -24.96 -1.18
CA PHE B 184 -10.73 -24.12 -1.85
C PHE B 184 -11.70 -23.66 -0.76
N VAL B 185 -11.83 -22.35 -0.56
CA VAL B 185 -12.79 -21.75 0.40
C VAL B 185 -14.05 -21.37 -0.41
N LEU B 186 -15.18 -22.00 -0.09
CA LEU B 186 -16.45 -21.91 -0.87
C LEU B 186 -17.53 -21.19 -0.06
N TRP B 187 -18.36 -20.42 -0.77
CA TRP B 187 -19.75 -20.10 -0.40
C TRP B 187 -20.65 -20.85 -1.40
N ALA B 188 -20.93 -22.13 -1.12
CA ALA B 188 -21.34 -23.14 -2.11
C ALA B 188 -22.80 -22.94 -2.55
N HIS B 189 -23.00 -22.53 -3.82
CA HIS B 189 -24.32 -22.38 -4.51
C HIS B 189 -24.59 -23.57 -5.44
N GLY B 190 -23.68 -24.55 -5.51
CA GLY B 190 -23.83 -25.82 -6.26
C GLY B 190 -22.96 -25.89 -7.51
N PHE B 191 -22.86 -24.81 -8.29
CA PHE B 191 -22.25 -24.83 -9.66
C PHE B 191 -20.73 -24.97 -9.57
N GLU B 192 -20.10 -24.40 -8.55
CA GLU B 192 -18.62 -24.48 -8.32
C GLU B 192 -18.22 -25.94 -8.03
N LEU B 193 -19.00 -26.68 -7.25
CA LEU B 193 -18.76 -28.12 -6.94
C LEU B 193 -18.93 -28.99 -8.20
N THR B 194 -19.90 -28.64 -9.06
CA THR B 194 -20.18 -29.27 -10.38
C THR B 194 -18.93 -29.20 -11.24
N SER B 195 -18.23 -28.05 -11.25
CA SER B 195 -17.12 -27.73 -12.17
C SER B 195 -15.86 -28.53 -11.81
N MET B 196 -15.73 -28.97 -10.55
CA MET B 196 -14.46 -29.53 -10.02
C MET B 196 -14.09 -30.80 -10.79
N LYS B 197 -15.06 -31.63 -11.18
CA LYS B 197 -14.84 -32.87 -11.98
C LYS B 197 -13.98 -32.58 -13.23
N TYR B 198 -13.99 -31.34 -13.75
CA TYR B 198 -13.30 -30.91 -15.00
C TYR B 198 -11.83 -30.49 -14.75
N PHE B 199 -11.40 -30.11 -13.54
CA PHE B 199 -9.97 -29.79 -13.27
C PHE B 199 -9.40 -30.50 -12.04
N VAL B 200 -10.18 -31.36 -11.37
CA VAL B 200 -9.72 -32.03 -10.12
C VAL B 200 -9.73 -33.52 -10.33
N LYS B 201 -8.64 -34.16 -9.89
CA LYS B 201 -8.50 -35.62 -9.76
C LYS B 201 -8.23 -35.93 -8.28
N ILE B 202 -8.82 -37.01 -7.78
CA ILE B 202 -8.57 -37.51 -6.41
C ILE B 202 -8.02 -38.93 -6.50
N GLY B 203 -7.31 -39.34 -5.47
CA GLY B 203 -6.70 -40.67 -5.37
C GLY B 203 -5.94 -40.82 -4.06
N PRO B 204 -5.06 -41.83 -3.91
CA PRO B 204 -4.29 -41.98 -2.69
C PRO B 204 -3.30 -40.81 -2.57
N GLU B 205 -2.90 -40.49 -1.34
CA GLU B 205 -1.80 -39.53 -1.08
C GLU B 205 -0.54 -40.08 -1.74
N ARG B 206 0.17 -39.24 -2.50
CA ARG B 206 1.46 -39.62 -3.13
C ARG B 206 2.46 -38.47 -3.01
N THR B 207 3.72 -38.77 -3.31
CA THR B 207 4.81 -37.77 -3.40
C THR B 207 4.98 -37.37 -4.87
N CYS B 208 5.54 -36.18 -5.07
CA CYS B 208 6.02 -35.67 -6.38
C CYS B 208 6.95 -36.73 -7.00
N CYS B 209 6.84 -36.95 -8.31
CA CYS B 209 7.73 -37.90 -9.04
C CYS B 209 9.16 -37.35 -9.04
N LEU B 210 9.37 -36.03 -8.87
CA LEU B 210 10.70 -35.36 -8.90
C LEU B 210 11.28 -35.06 -7.50
N CYS B 211 10.48 -34.90 -6.44
CA CYS B 211 11.03 -34.55 -5.09
C CYS B 211 10.21 -35.25 -3.99
N ASP B 212 10.56 -35.04 -2.72
CA ASP B 212 9.91 -35.64 -1.52
C ASP B 212 8.59 -34.95 -1.13
N ARG B 213 8.25 -33.84 -1.79
CA ARG B 213 7.02 -33.05 -1.48
C ARG B 213 5.77 -33.84 -1.83
N ARG B 214 4.70 -33.62 -1.07
CA ARG B 214 3.35 -34.14 -1.35
C ARG B 214 2.97 -33.75 -2.79
N ALA B 215 2.28 -34.64 -3.49
CA ALA B 215 1.77 -34.43 -4.87
C ALA B 215 0.50 -33.58 -4.80
N THR B 216 0.49 -32.49 -5.56
CA THR B 216 -0.62 -31.51 -5.63
C THR B 216 -1.21 -31.46 -7.04
N CYS B 217 -0.49 -31.98 -8.04
CA CYS B 217 -0.83 -31.87 -9.48
C CYS B 217 -0.61 -33.23 -10.17
N PHE B 218 -1.32 -33.46 -11.27
CA PHE B 218 -1.26 -34.68 -12.11
C PHE B 218 -1.22 -34.30 -13.59
N SER B 219 -0.43 -35.04 -14.37
CA SER B 219 -0.26 -34.92 -15.83
C SER B 219 -0.86 -36.16 -16.50
N THR B 220 -1.94 -35.97 -17.26
CA THR B 220 -2.63 -37.01 -18.05
C THR B 220 -1.70 -37.55 -19.15
N ALA B 221 -0.96 -36.66 -19.82
CA ALA B 221 0.05 -36.94 -20.87
C ALA B 221 1.05 -38.01 -20.43
N SER B 222 1.58 -37.93 -19.21
CA SER B 222 2.72 -38.73 -18.72
C SER B 222 2.35 -39.67 -17.57
N ASP B 223 1.12 -39.60 -17.03
CA ASP B 223 0.71 -40.33 -15.78
C ASP B 223 1.69 -40.05 -14.64
N THR B 224 2.14 -38.81 -14.47
CA THR B 224 3.09 -38.42 -13.37
C THR B 224 2.44 -37.37 -12.47
N TYR B 225 2.96 -37.29 -11.25
CA TYR B 225 2.48 -36.42 -10.17
C TYR B 225 3.56 -35.40 -9.80
N ALA B 226 3.15 -34.14 -9.57
CA ALA B 226 4.04 -33.05 -9.16
C ALA B 226 3.52 -32.35 -7.89
N CYS B 227 4.47 -31.84 -7.10
CA CYS B 227 4.28 -30.74 -6.10
C CYS B 227 4.02 -29.43 -6.86
N TRP B 228 3.82 -28.31 -6.14
CA TRP B 228 3.58 -26.98 -6.75
C TRP B 228 4.82 -26.47 -7.52
N HIS B 229 6.03 -26.91 -7.17
CA HIS B 229 7.29 -26.42 -7.82
C HIS B 229 7.54 -27.08 -9.18
N HIS B 230 7.00 -28.27 -9.41
CA HIS B 230 7.46 -29.21 -10.47
C HIS B 230 6.34 -29.52 -11.45
N SER B 231 5.37 -28.61 -11.58
CA SER B 231 4.05 -28.86 -12.21
C SER B 231 3.95 -28.15 -13.56
N ILE B 232 5.07 -27.73 -14.16
CA ILE B 232 4.98 -26.97 -15.43
C ILE B 232 4.35 -27.90 -16.47
N GLY B 233 3.28 -27.43 -17.08
CA GLY B 233 2.54 -28.16 -18.12
C GLY B 233 1.53 -29.14 -17.55
N PHE B 234 1.45 -29.35 -16.22
CA PHE B 234 0.45 -30.27 -15.61
C PHE B 234 -0.95 -29.65 -15.70
N ASP B 235 -1.96 -30.53 -15.74
CA ASP B 235 -3.34 -30.22 -16.19
C ASP B 235 -4.40 -30.50 -15.12
N TYR B 236 -4.16 -31.37 -14.12
CA TYR B 236 -5.15 -31.63 -13.04
C TYR B 236 -4.58 -31.21 -11.66
N VAL B 237 -5.42 -30.51 -10.91
CA VAL B 237 -5.25 -30.29 -9.44
C VAL B 237 -5.53 -31.64 -8.77
N TYR B 238 -4.60 -32.15 -7.96
CA TYR B 238 -4.67 -33.49 -7.34
C TYR B 238 -4.89 -33.37 -5.84
N ASN B 239 -5.90 -34.06 -5.32
CA ASN B 239 -6.30 -34.08 -3.88
C ASN B 239 -6.32 -32.67 -3.31
N PRO B 240 -7.14 -31.75 -3.87
CA PRO B 240 -7.41 -30.47 -3.22
C PRO B 240 -8.31 -30.74 -2.00
N PHE B 241 -8.18 -29.93 -0.96
CA PHE B 241 -9.10 -29.88 0.18
C PHE B 241 -10.03 -28.67 -0.02
N MET B 242 -11.12 -28.62 0.74
CA MET B 242 -12.13 -27.53 0.60
C MET B 242 -12.98 -27.38 1.87
N ILE B 243 -13.52 -26.18 2.06
CA ILE B 243 -14.54 -25.88 3.12
C ILE B 243 -15.67 -25.07 2.47
N ASP B 244 -16.93 -25.38 2.83
CA ASP B 244 -18.12 -24.52 2.55
C ASP B 244 -18.39 -23.69 3.81
N VAL B 245 -18.32 -22.37 3.66
CA VAL B 245 -18.48 -21.36 4.74
C VAL B 245 -19.96 -21.30 5.17
N GLN B 246 -20.91 -21.57 4.26
CA GLN B 246 -22.38 -21.67 4.57
C GLN B 246 -22.64 -22.67 5.71
N GLN B 247 -21.83 -23.72 5.84
CA GLN B 247 -21.96 -24.79 6.87
C GLN B 247 -21.53 -24.26 8.25
N TRP B 248 -21.06 -23.01 8.37
CA TRP B 248 -20.55 -22.43 9.63
C TRP B 248 -21.67 -21.72 10.42
N GLY B 249 -22.91 -21.81 9.97
CA GLY B 249 -24.11 -21.41 10.73
C GLY B 249 -24.47 -19.96 10.46
N PHE B 250 -24.41 -19.53 9.20
CA PHE B 250 -24.71 -18.16 8.75
C PHE B 250 -26.17 -18.10 8.29
N THR B 251 -26.69 -16.89 8.09
CA THR B 251 -28.01 -16.61 7.45
C THR B 251 -27.80 -15.48 6.46
N GLY B 252 -28.61 -15.40 5.41
CA GLY B 252 -28.46 -14.39 4.34
C GLY B 252 -27.38 -14.80 3.37
N ASN B 253 -27.05 -13.90 2.45
CA ASN B 253 -26.13 -14.16 1.32
C ASN B 253 -24.70 -13.80 1.76
N LEU B 254 -23.73 -14.09 0.88
CA LEU B 254 -22.29 -13.83 1.09
C LEU B 254 -22.05 -12.36 1.41
N GLN B 255 -22.55 -11.45 0.56
CA GLN B 255 -22.27 -9.99 0.64
C GLN B 255 -22.80 -9.41 1.95
N SER B 256 -23.95 -9.86 2.45
CA SER B 256 -24.58 -9.33 3.70
C SER B 256 -23.65 -9.61 4.88
N ASN B 257 -23.06 -10.80 4.91
CA ASN B 257 -22.15 -11.26 5.99
C ASN B 257 -20.78 -10.61 5.84
N HIS B 258 -20.25 -10.54 4.60
CA HIS B 258 -18.89 -10.01 4.30
C HIS B 258 -18.80 -8.54 4.70
N ASP B 259 -19.74 -7.74 4.21
CA ASP B 259 -19.74 -6.25 4.30
C ASP B 259 -19.90 -5.79 5.75
N LEU B 260 -20.37 -6.64 6.67
CA LEU B 260 -20.45 -6.34 8.12
C LEU B 260 -19.05 -6.04 8.72
N TYR B 261 -17.98 -6.65 8.20
CA TYR B 261 -16.63 -6.61 8.81
C TYR B 261 -15.59 -5.97 7.89
N CYS B 262 -15.95 -5.63 6.66
CA CYS B 262 -14.96 -5.27 5.62
C CYS B 262 -15.60 -4.35 4.57
N GLN B 263 -14.96 -3.22 4.31
CA GLN B 263 -15.43 -2.15 3.39
C GLN B 263 -14.54 -2.14 2.12
N VAL B 264 -13.53 -3.00 2.05
CA VAL B 264 -12.39 -2.91 1.08
C VAL B 264 -12.64 -3.80 -0.15
N HIS B 265 -13.49 -4.82 -0.06
CA HIS B 265 -13.84 -5.73 -1.18
C HIS B 265 -15.26 -5.42 -1.64
N GLY B 266 -15.40 -4.81 -2.81
CA GLY B 266 -16.69 -4.51 -3.46
C GLY B 266 -17.18 -5.71 -4.26
N ASN B 267 -18.49 -5.98 -4.23
CA ASN B 267 -19.12 -6.97 -5.15
C ASN B 267 -19.30 -6.30 -6.50
N ALA B 268 -18.95 -6.99 -7.59
CA ALA B 268 -18.84 -6.43 -8.95
C ALA B 268 -19.28 -7.45 -10.01
N HIS B 269 -20.34 -8.23 -9.75
CA HIS B 269 -21.04 -9.10 -10.75
C HIS B 269 -20.04 -10.07 -11.40
N VAL B 270 -18.98 -10.49 -10.68
CA VAL B 270 -17.83 -11.31 -11.20
C VAL B 270 -17.44 -12.34 -10.12
N ALA B 271 -16.98 -13.51 -10.58
CA ALA B 271 -16.75 -14.73 -9.75
C ALA B 271 -15.61 -14.52 -8.74
N SER B 272 -14.50 -13.90 -9.16
CA SER B 272 -13.33 -13.60 -8.31
C SER B 272 -13.75 -12.78 -7.08
N CYS B 273 -14.62 -11.77 -7.24
CA CYS B 273 -15.10 -10.88 -6.15
C CYS B 273 -15.79 -11.69 -5.06
N ASP B 274 -16.62 -12.68 -5.45
CA ASP B 274 -17.24 -13.66 -4.52
C ASP B 274 -16.16 -14.51 -3.85
N ALA B 275 -15.17 -14.97 -4.61
CA ALA B 275 -14.06 -15.81 -4.11
C ALA B 275 -13.27 -15.01 -3.06
N ILE B 276 -12.97 -13.74 -3.36
CA ILE B 276 -12.24 -12.79 -2.47
C ILE B 276 -13.03 -12.61 -1.17
N MET B 277 -14.31 -12.22 -1.28
CA MET B 277 -15.23 -11.94 -0.14
C MET B 277 -15.35 -13.18 0.75
N THR B 278 -15.39 -14.38 0.16
CA THR B 278 -15.58 -15.67 0.87
C THR B 278 -14.35 -15.98 1.74
N ARG B 279 -13.17 -15.79 1.15
CA ARG B 279 -11.90 -16.00 1.89
C ARG B 279 -11.82 -14.92 2.97
N CYS B 280 -12.13 -13.66 2.65
CA CYS B 280 -12.15 -12.53 3.62
C CYS B 280 -13.01 -12.87 4.85
N LEU B 281 -14.25 -13.30 4.62
CA LEU B 281 -15.22 -13.71 5.68
C LEU B 281 -14.62 -14.82 6.55
N ALA B 282 -14.08 -15.88 5.95
CA ALA B 282 -13.51 -17.05 6.65
C ALA B 282 -12.35 -16.59 7.53
N VAL B 283 -11.48 -15.76 6.97
CA VAL B 283 -10.35 -15.16 7.70
C VAL B 283 -10.91 -14.35 8.88
N HIS B 284 -11.99 -13.58 8.68
CA HIS B 284 -12.63 -12.82 9.80
C HIS B 284 -13.09 -13.79 10.89
N GLU B 285 -13.83 -14.84 10.53
CA GLU B 285 -14.42 -15.83 11.49
C GLU B 285 -13.31 -16.55 12.27
N CYS B 286 -12.16 -16.80 11.64
CA CYS B 286 -11.13 -17.72 12.18
C CYS B 286 -9.98 -16.99 12.89
N PHE B 287 -9.69 -15.71 12.59
CA PHE B 287 -8.44 -15.02 13.04
C PHE B 287 -8.67 -13.65 13.71
N VAL B 288 -9.70 -12.89 13.35
CA VAL B 288 -9.81 -11.45 13.74
C VAL B 288 -10.10 -11.33 15.24
N LYS B 289 -10.77 -12.29 15.87
CA LYS B 289 -11.24 -12.19 17.27
C LYS B 289 -10.04 -12.21 18.23
N ARG B 290 -9.11 -13.16 18.10
CA ARG B 290 -8.01 -13.35 19.08
C ARG B 290 -6.87 -14.19 18.48
N VAL B 291 -5.71 -14.18 19.13
CA VAL B 291 -4.57 -15.10 18.82
C VAL B 291 -4.90 -16.45 19.47
N ASP B 292 -4.71 -17.53 18.75
CA ASP B 292 -4.78 -18.91 19.27
C ASP B 292 -3.34 -19.37 19.51
N TRP B 293 -2.91 -19.35 20.76
CA TRP B 293 -1.51 -19.67 21.15
C TRP B 293 -1.26 -21.18 21.03
N THR B 294 -2.30 -22.01 20.94
CA THR B 294 -2.17 -23.49 20.85
C THR B 294 -1.75 -23.90 19.44
N ILE B 295 -2.10 -23.12 18.41
CA ILE B 295 -1.81 -23.44 16.98
C ILE B 295 -0.51 -22.77 16.54
N GLU B 296 0.40 -23.58 16.02
CA GLU B 296 1.78 -23.24 15.57
C GLU B 296 1.86 -23.52 14.05
N TYR B 297 2.73 -22.84 13.31
CA TYR B 297 2.81 -22.92 11.84
C TYR B 297 4.27 -23.17 11.43
N PRO B 298 4.49 -24.02 10.40
CA PRO B 298 5.85 -24.34 9.95
C PRO B 298 6.69 -23.13 9.54
N ILE B 299 8.02 -23.21 9.66
CA ILE B 299 8.98 -22.20 9.11
C ILE B 299 8.96 -22.29 7.59
N ILE B 300 8.73 -21.17 6.88
CA ILE B 300 8.76 -21.11 5.40
C ILE B 300 9.67 -20.00 4.91
N GLY B 301 10.21 -19.17 5.79
CA GLY B 301 11.13 -18.07 5.43
C GLY B 301 12.16 -17.87 6.52
N ASP B 302 12.35 -16.60 6.93
CA ASP B 302 13.41 -16.18 7.89
C ASP B 302 12.82 -15.95 9.28
N GLU B 303 11.76 -16.69 9.66
CA GLU B 303 11.08 -16.50 10.96
C GLU B 303 12.11 -16.44 12.10
N LEU B 304 13.06 -17.38 12.17
CA LEU B 304 13.96 -17.54 13.35
C LEU B 304 14.85 -16.31 13.47
N LYS B 305 15.47 -15.90 12.36
CA LYS B 305 16.35 -14.71 12.30
C LYS B 305 15.54 -13.44 12.57
N ILE B 306 14.37 -13.30 11.93
CA ILE B 306 13.49 -12.11 12.10
C ILE B 306 13.11 -12.02 13.58
N ASN B 307 12.70 -13.13 14.20
CA ASN B 307 12.18 -13.13 15.59
C ASN B 307 13.33 -12.89 16.56
N ALA B 308 14.51 -13.45 16.31
CA ALA B 308 15.72 -13.20 17.14
C ALA B 308 16.10 -11.71 17.07
N ALA B 309 16.08 -11.14 15.87
CA ALA B 309 16.44 -9.73 15.59
C ALA B 309 15.46 -8.79 16.32
N CYS B 310 14.16 -9.06 16.22
CA CYS B 310 13.07 -8.27 16.86
C CYS B 310 13.26 -8.26 18.38
N ARG B 311 13.64 -9.39 18.98
CA ARG B 311 13.77 -9.50 20.45
C ARG B 311 15.01 -8.75 20.93
N LYS B 312 16.12 -8.83 20.18
CA LYS B 312 17.34 -8.02 20.43
C LYS B 312 16.95 -6.54 20.48
N VAL B 313 16.30 -6.06 19.42
CA VAL B 313 15.93 -4.61 19.26
C VAL B 313 14.95 -4.24 20.37
N GLN B 314 14.00 -5.11 20.71
CA GLN B 314 13.02 -4.81 21.78
C GLN B 314 13.77 -4.50 23.09
N HIS B 315 14.70 -5.38 23.48
CA HIS B 315 15.51 -5.26 24.72
C HIS B 315 16.26 -3.92 24.72
N MET B 316 17.06 -3.68 23.68
CA MET B 316 17.87 -2.45 23.50
C MET B 316 17.01 -1.20 23.71
N VAL B 317 15.87 -1.14 23.04
CA VAL B 317 15.00 0.07 22.92
C VAL B 317 14.35 0.37 24.28
N VAL B 318 13.83 -0.65 24.95
CA VAL B 318 13.12 -0.48 26.26
C VAL B 318 14.15 -0.22 27.35
N LYS B 319 15.28 -0.94 27.35
CA LYS B 319 16.45 -0.67 28.26
C LYS B 319 16.83 0.81 28.12
N ALA B 320 17.10 1.26 26.89
CA ALA B 320 17.58 2.62 26.57
C ALA B 320 16.58 3.67 27.09
N ALA B 321 15.28 3.49 26.82
CA ALA B 321 14.23 4.47 27.24
C ALA B 321 14.19 4.56 28.77
N LEU B 322 14.28 3.43 29.47
CA LEU B 322 14.20 3.36 30.95
C LEU B 322 15.40 4.07 31.59
N LEU B 323 16.61 3.89 31.04
CA LEU B 323 17.83 4.60 31.53
C LEU B 323 17.68 6.10 31.24
N ALA B 324 17.36 6.46 29.98
CA ALA B 324 17.37 7.86 29.48
C ALA B 324 16.36 8.74 30.22
N ASP B 325 15.14 8.25 30.46
CA ASP B 325 14.01 9.08 30.97
C ASP B 325 13.53 8.60 32.34
N LYS B 326 14.03 7.48 32.86
CA LYS B 326 13.88 7.05 34.28
C LYS B 326 12.40 6.96 34.66
N PHE B 327 11.60 6.28 33.84
CA PHE B 327 10.16 6.07 34.10
C PHE B 327 10.02 5.17 35.32
N PRO B 328 9.19 5.52 36.32
CA PRO B 328 8.99 4.68 37.49
C PRO B 328 8.20 3.38 37.20
N VAL B 329 7.37 3.41 36.16
CA VAL B 329 6.45 2.29 35.81
C VAL B 329 6.46 2.10 34.29
N LEU B 330 6.41 0.84 33.84
CA LEU B 330 6.21 0.46 32.41
C LEU B 330 4.91 -0.31 32.29
N HIS B 331 3.99 0.18 31.45
CA HIS B 331 2.70 -0.47 31.14
C HIS B 331 2.86 -1.31 29.87
N ASP B 332 3.10 -2.62 30.01
CA ASP B 332 3.31 -3.58 28.89
C ASP B 332 1.94 -4.02 28.39
N ILE B 333 1.41 -3.31 27.41
CA ILE B 333 0.03 -3.51 26.87
C ILE B 333 0.13 -4.47 25.68
N GLY B 334 -0.63 -5.57 25.74
CA GLY B 334 -0.60 -6.65 24.74
C GLY B 334 0.50 -7.64 25.04
N ASN B 335 0.68 -7.99 26.33
CA ASN B 335 1.63 -9.02 26.81
C ASN B 335 0.83 -10.05 27.60
N PRO B 336 0.39 -11.16 26.98
CA PRO B 336 -0.46 -12.15 27.64
C PRO B 336 0.27 -13.26 28.44
N LYS B 337 1.61 -13.21 28.55
CA LYS B 337 2.43 -14.27 29.19
C LYS B 337 3.21 -13.73 30.39
N ALA B 338 3.22 -12.42 30.63
CA ALA B 338 3.90 -11.73 31.75
C ALA B 338 5.40 -11.99 31.76
N ILE B 339 6.03 -12.01 30.58
CA ILE B 339 7.51 -12.12 30.42
C ILE B 339 8.04 -10.72 30.12
N LYS B 340 9.06 -10.27 30.85
CA LYS B 340 9.67 -8.92 30.70
C LYS B 340 10.80 -9.01 29.68
N CYS B 341 10.85 -8.07 28.73
CA CYS B 341 11.90 -8.02 27.69
C CYS B 341 13.22 -7.48 28.26
N VAL B 342 13.18 -6.82 29.42
CA VAL B 342 14.37 -6.27 30.15
C VAL B 342 14.23 -6.70 31.62
N PRO B 343 14.51 -7.98 31.97
CA PRO B 343 14.17 -8.50 33.29
C PRO B 343 15.01 -7.88 34.43
N GLN B 344 16.22 -7.39 34.12
CA GLN B 344 17.21 -6.94 35.13
C GLN B 344 17.27 -5.41 35.09
N ALA B 345 16.10 -4.75 35.15
CA ALA B 345 15.94 -3.28 35.05
C ALA B 345 15.07 -2.76 36.19
N ASP B 346 15.46 -1.61 36.77
CA ASP B 346 14.86 -1.06 38.02
C ASP B 346 13.62 -0.25 37.66
N VAL B 347 12.45 -0.91 37.59
CA VAL B 347 11.16 -0.28 37.18
C VAL B 347 10.01 -1.21 37.58
N GLU B 348 8.86 -0.65 37.94
CA GLU B 348 7.66 -1.47 38.26
C GLU B 348 7.03 -1.85 36.92
N TRP B 349 7.04 -3.15 36.59
CA TRP B 349 6.60 -3.68 35.29
C TRP B 349 5.17 -4.21 35.43
N LYS B 350 4.23 -3.64 34.68
CA LYS B 350 2.79 -3.98 34.76
C LYS B 350 2.36 -4.54 33.39
N PHE B 351 1.59 -5.62 33.42
CA PHE B 351 1.17 -6.42 32.24
C PHE B 351 -0.33 -6.25 32.02
N TYR B 352 -0.73 -6.02 30.77
CA TYR B 352 -2.15 -5.91 30.33
C TYR B 352 -2.30 -6.70 29.02
N ASP B 353 -3.46 -7.34 28.82
CA ASP B 353 -3.80 -7.99 27.53
C ASP B 353 -5.31 -8.14 27.43
N ALA B 354 -5.86 -8.09 26.21
CA ALA B 354 -7.30 -8.37 25.93
C ALA B 354 -7.62 -9.84 26.23
N GLN B 355 -6.63 -10.75 26.09
CA GLN B 355 -6.75 -12.21 26.33
C GLN B 355 -5.48 -12.71 27.03
N PRO B 356 -5.36 -12.54 28.37
CA PRO B 356 -4.27 -13.15 29.11
C PRO B 356 -4.31 -14.69 29.04
N CYS B 357 -3.14 -15.33 28.96
CA CYS B 357 -3.00 -16.81 29.10
C CYS B 357 -3.53 -17.21 30.48
N SER B 358 -4.41 -18.21 30.53
CA SER B 358 -5.10 -18.72 31.75
C SER B 358 -4.13 -18.83 32.93
N ASP B 359 -2.98 -19.49 32.71
CA ASP B 359 -1.98 -19.84 33.76
C ASP B 359 -1.34 -18.59 34.37
N LYS B 360 -1.33 -17.45 33.68
CA LYS B 360 -0.69 -16.17 34.15
C LYS B 360 -1.75 -15.09 34.44
N ALA B 361 -3.05 -15.36 34.21
CA ALA B 361 -4.15 -14.36 34.25
C ALA B 361 -4.14 -13.56 35.56
N TYR B 362 -3.75 -14.19 36.68
CA TYR B 362 -3.63 -13.55 38.03
C TYR B 362 -2.69 -12.34 38.01
N LYS B 363 -1.64 -12.38 37.17
CA LYS B 363 -0.50 -11.42 37.17
C LYS B 363 -0.68 -10.34 36.08
N ILE B 364 -1.77 -10.42 35.30
CA ILE B 364 -2.01 -9.62 34.07
C ILE B 364 -3.46 -9.11 34.10
N GLU B 365 -3.64 -7.80 33.92
CA GLU B 365 -5.00 -7.19 33.85
C GLU B 365 -5.65 -7.45 32.48
N GLU B 366 -6.82 -8.05 32.46
CA GLU B 366 -7.64 -8.16 31.22
C GLU B 366 -8.12 -6.76 30.87
N LEU B 367 -7.75 -6.25 29.69
CA LEU B 367 -8.05 -4.87 29.23
C LEU B 367 -7.88 -4.78 27.70
N PHE B 368 -8.83 -4.16 27.02
CA PHE B 368 -8.79 -3.85 25.58
C PHE B 368 -8.52 -2.34 25.41
N TYR B 369 -7.30 -1.99 24.99
CA TYR B 369 -6.87 -0.58 24.84
C TYR B 369 -7.52 0.02 23.59
N SER B 370 -8.19 1.15 23.77
CA SER B 370 -8.58 2.13 22.74
C SER B 370 -8.34 3.52 23.34
N TYR B 371 -7.82 4.46 22.54
CA TYR B 371 -7.54 5.86 22.96
C TYR B 371 -8.87 6.47 23.48
N ALA B 372 -9.95 6.27 22.72
CA ALA B 372 -11.33 6.72 23.01
C ALA B 372 -11.79 6.33 24.42
N THR B 373 -11.23 5.27 25.03
CA THR B 373 -11.66 4.72 26.34
C THR B 373 -10.50 4.69 27.36
N HIS B 374 -9.27 4.98 26.99
CA HIS B 374 -8.11 4.87 27.94
C HIS B 374 -7.20 6.11 27.88
N SER B 375 -7.58 7.19 27.19
CA SER B 375 -6.78 8.45 27.15
C SER B 375 -6.60 9.02 28.57
N ASP B 376 -7.55 8.76 29.48
CA ASP B 376 -7.51 9.17 30.90
C ASP B 376 -6.77 8.15 31.80
N LYS B 377 -6.24 7.04 31.28
CA LYS B 377 -5.45 6.05 32.10
C LYS B 377 -4.02 6.01 31.60
N PHE B 378 -3.15 5.24 32.25
CA PHE B 378 -1.70 5.11 31.90
C PHE B 378 -1.10 6.52 31.86
N THR B 379 -1.42 7.33 32.87
CA THR B 379 -1.04 8.75 32.99
C THR B 379 0.45 8.84 33.34
N ASP B 380 0.94 7.83 34.06
CA ASP B 380 2.29 7.74 34.66
C ASP B 380 3.17 6.80 33.81
N GLY B 381 4.49 7.00 33.86
CA GLY B 381 5.49 6.11 33.25
C GLY B 381 5.36 6.07 31.74
N VAL B 382 5.75 4.93 31.14
CA VAL B 382 5.79 4.70 29.67
C VAL B 382 4.96 3.45 29.36
N CYS B 383 4.15 3.54 28.32
CA CYS B 383 3.41 2.40 27.73
C CYS B 383 4.28 1.71 26.68
N LEU B 384 4.41 0.38 26.76
CA LEU B 384 5.05 -0.47 25.73
C LEU B 384 3.94 -1.18 24.94
N PHE B 385 3.84 -0.86 23.63
CA PHE B 385 2.98 -1.54 22.63
C PHE B 385 3.87 -2.25 21.61
N TRP B 386 4.38 -3.42 22.00
CA TRP B 386 5.22 -4.28 21.10
C TRP B 386 4.27 -5.16 20.27
N ASN B 387 3.88 -4.66 19.09
CA ASN B 387 2.94 -5.34 18.17
C ASN B 387 1.59 -5.58 18.87
N CYS B 388 1.14 -4.58 19.63
CA CYS B 388 -0.24 -4.43 20.15
C CYS B 388 -0.89 -3.28 19.36
N ASN B 389 -1.70 -3.61 18.36
CA ASN B 389 -2.01 -2.70 17.23
C ASN B 389 -3.33 -2.00 17.53
N VAL B 390 -3.26 -0.94 18.35
CA VAL B 390 -4.43 -0.16 18.83
C VAL B 390 -4.79 0.94 17.81
N ASP B 391 -5.97 1.53 17.98
CA ASP B 391 -6.52 2.60 17.09
C ASP B 391 -5.58 3.81 17.09
N ARG B 392 -5.15 4.27 18.26
CA ARG B 392 -4.21 5.42 18.41
C ARG B 392 -3.40 5.24 19.68
N TYR B 393 -2.08 5.46 19.60
CA TYR B 393 -1.14 5.33 20.74
C TYR B 393 -1.13 6.67 21.51
N PRO B 394 -1.11 6.64 22.85
CA PRO B 394 -0.92 7.86 23.63
C PRO B 394 0.54 8.36 23.54
N ALA B 395 0.78 9.59 23.99
CA ALA B 395 2.04 10.34 23.83
C ALA B 395 3.21 9.64 24.54
N ASN B 396 2.94 8.90 25.63
CA ASN B 396 3.99 8.27 26.49
C ASN B 396 4.21 6.81 26.08
N SER B 397 4.52 6.54 24.80
CA SER B 397 4.52 5.17 24.20
C SER B 397 5.86 4.81 23.55
N ILE B 398 6.20 3.53 23.61
CA ILE B 398 7.20 2.85 22.74
C ILE B 398 6.42 1.83 21.93
N VAL B 399 6.51 1.90 20.61
CA VAL B 399 5.66 1.07 19.69
C VAL B 399 6.55 0.34 18.68
N CYS B 400 6.28 -0.95 18.49
CA CYS B 400 6.62 -1.70 17.25
C CYS B 400 5.29 -2.02 16.56
N ARG B 401 5.15 -1.63 15.29
CA ARG B 401 3.98 -1.96 14.44
C ARG B 401 4.46 -2.60 13.14
N PHE B 402 3.81 -3.69 12.74
CA PHE B 402 4.02 -4.37 11.42
C PHE B 402 3.19 -3.66 10.35
N ASP B 403 3.84 -3.32 9.22
CA ASP B 403 3.18 -2.69 8.05
C ASP B 403 2.53 -3.79 7.21
N THR B 404 1.20 -3.82 7.18
CA THR B 404 0.37 -4.82 6.48
C THR B 404 0.56 -4.78 4.97
N ARG B 405 1.16 -3.72 4.43
CA ARG B 405 1.36 -3.54 2.97
C ARG B 405 2.61 -4.29 2.50
N VAL B 406 3.42 -4.81 3.43
CA VAL B 406 4.70 -5.51 3.12
C VAL B 406 4.43 -6.84 2.40
N LEU B 407 5.09 -7.04 1.25
CA LEU B 407 5.00 -8.28 0.43
C LEU B 407 5.92 -9.32 1.05
N SER B 408 5.38 -10.48 1.44
CA SER B 408 6.15 -11.53 2.14
C SER B 408 5.34 -12.80 2.10
N ASN B 409 6.01 -13.95 1.96
CA ASN B 409 5.39 -15.30 2.10
C ASN B 409 4.77 -15.44 3.50
N LEU B 410 5.28 -14.73 4.51
CA LEU B 410 4.74 -14.72 5.90
C LEU B 410 3.42 -13.93 5.99
N ASN B 411 3.16 -13.00 5.07
CA ASN B 411 2.10 -11.97 5.20
C ASN B 411 1.02 -12.24 4.14
N LEU B 412 -0.14 -12.74 4.58
CA LEU B 412 -1.27 -13.16 3.70
C LEU B 412 -2.31 -12.04 3.65
N PRO B 413 -3.06 -11.91 2.54
CA PRO B 413 -4.15 -10.94 2.46
C PRO B 413 -5.16 -11.16 3.59
N GLY B 414 -5.66 -10.09 4.21
CA GLY B 414 -6.56 -10.15 5.39
C GLY B 414 -7.87 -9.44 5.17
N CYS B 415 -8.58 -9.21 6.27
CA CYS B 415 -9.93 -8.61 6.33
C CYS B 415 -9.77 -7.09 6.50
N ASP B 416 -10.44 -6.32 5.64
CA ASP B 416 -10.71 -4.86 5.79
C ASP B 416 -9.42 -4.03 5.67
N GLY B 417 -8.55 -4.40 4.71
CA GLY B 417 -7.26 -3.75 4.46
C GLY B 417 -6.17 -4.28 5.36
N GLY B 418 -6.52 -5.04 6.40
CA GLY B 418 -5.55 -5.75 7.26
C GLY B 418 -4.92 -6.91 6.51
N SER B 419 -3.91 -7.52 7.11
CA SER B 419 -3.21 -8.73 6.63
C SER B 419 -3.16 -9.74 7.75
N LEU B 420 -3.00 -11.02 7.40
CA LEU B 420 -2.76 -12.12 8.36
C LEU B 420 -1.27 -12.48 8.31
N TYR B 421 -0.54 -12.10 9.35
CA TYR B 421 0.91 -12.35 9.47
C TYR B 421 1.09 -13.70 10.15
N VAL B 422 1.50 -14.71 9.40
CA VAL B 422 1.73 -16.07 9.95
C VAL B 422 3.23 -16.29 10.09
N ASN B 423 3.68 -16.22 11.34
CA ASN B 423 5.08 -16.38 11.78
C ASN B 423 5.01 -17.06 13.14
N LYS B 424 5.20 -18.39 13.14
CA LYS B 424 4.98 -19.31 14.29
C LYS B 424 3.48 -19.36 14.61
N HIS B 425 2.86 -18.23 14.97
CA HIS B 425 1.40 -18.12 15.24
C HIS B 425 0.80 -17.24 14.16
N ALA B 426 -0.54 -17.25 14.03
CA ALA B 426 -1.29 -16.43 13.06
C ALA B 426 -1.81 -15.15 13.75
N PHE B 427 -1.35 -14.00 13.27
CA PHE B 427 -1.62 -12.64 13.83
C PHE B 427 -2.34 -11.79 12.79
N HIS B 428 -3.66 -11.71 12.86
CA HIS B 428 -4.43 -10.72 12.06
C HIS B 428 -4.03 -9.33 12.58
N THR B 429 -3.60 -8.46 11.66
CA THR B 429 -3.11 -7.09 11.90
C THR B 429 -4.01 -6.12 11.13
N PRO B 430 -4.57 -5.08 11.79
CA PRO B 430 -5.35 -4.07 11.10
C PRO B 430 -4.46 -3.30 10.12
N ALA B 431 -5.08 -2.77 9.06
CA ALA B 431 -4.49 -1.86 8.07
C ALA B 431 -3.50 -0.90 8.75
N PHE B 432 -2.28 -0.81 8.20
CA PHE B 432 -1.26 0.17 8.62
C PHE B 432 -1.81 1.57 8.30
N ASP B 433 -1.87 2.42 9.32
CA ASP B 433 -2.53 3.74 9.25
C ASP B 433 -1.60 4.71 9.99
N LYS B 434 -1.01 5.67 9.26
CA LYS B 434 -0.05 6.68 9.79
C LYS B 434 -0.68 7.50 10.93
N SER B 435 -1.98 7.78 10.85
CA SER B 435 -2.74 8.60 11.83
C SER B 435 -2.68 7.99 13.24
N ALA B 436 -2.43 6.69 13.38
CA ALA B 436 -2.28 5.99 14.68
C ALA B 436 -1.05 6.51 15.45
N PHE B 437 -0.05 7.04 14.75
CA PHE B 437 1.26 7.49 15.29
C PHE B 437 1.33 9.02 15.42
N VAL B 438 0.19 9.72 15.40
CA VAL B 438 0.12 11.21 15.34
C VAL B 438 0.84 11.84 16.55
N ASN B 439 0.78 11.21 17.72
CA ASN B 439 1.39 11.73 18.98
C ASN B 439 2.85 11.29 19.14
N LEU B 440 3.43 10.56 18.18
CA LEU B 440 4.77 9.95 18.33
C LEU B 440 5.66 10.38 17.15
N LYS B 441 6.95 10.06 17.27
CA LYS B 441 7.97 10.21 16.22
C LYS B 441 8.61 8.86 15.94
N GLN B 442 9.26 8.77 14.80
CA GLN B 442 10.06 7.59 14.42
C GLN B 442 11.24 7.49 15.38
N LEU B 443 11.51 6.28 15.89
CA LEU B 443 12.68 6.03 16.76
C LEU B 443 13.91 5.96 15.86
N PRO B 444 14.94 6.85 16.02
CA PRO B 444 16.15 6.76 15.22
C PRO B 444 17.01 5.57 15.63
N PHE B 445 17.85 5.09 14.70
CA PHE B 445 18.85 4.04 14.98
C PHE B 445 19.85 4.54 16.02
N PHE B 446 20.20 3.66 16.96
CA PHE B 446 21.39 3.75 17.83
C PHE B 446 21.71 2.37 18.40
N TYR B 447 22.94 2.21 18.86
CA TYR B 447 23.41 1.08 19.71
C TYR B 447 23.81 1.67 21.06
N TYR B 448 23.39 1.04 22.16
CA TYR B 448 23.79 1.41 23.54
C TYR B 448 24.27 0.18 24.29
N SER B 449 25.46 0.27 24.91
CA SER B 449 26.01 -0.75 25.85
C SER B 449 26.67 -0.06 27.05
N ASP B 450 26.24 -0.45 28.25
CA ASP B 450 26.92 -0.16 29.54
C ASP B 450 27.71 -1.39 29.99
N SER B 451 27.81 -2.43 29.15
CA SER B 451 28.64 -3.64 29.43
C SER B 451 30.12 -3.25 29.43
N PRO B 452 31.00 -4.04 30.08
CA PRO B 452 32.44 -3.82 30.02
C PRO B 452 33.02 -3.82 28.61
N CYS B 453 34.06 -3.00 28.40
CA CYS B 453 34.83 -2.85 27.14
C CYS B 453 35.87 -3.98 27.04
N GLU B 454 36.41 -4.25 25.84
CA GLU B 454 37.35 -5.38 25.56
C GLU B 454 38.00 -5.21 24.18
N SER B 455 39.30 -5.47 24.05
CA SER B 455 40.03 -5.57 22.76
C SER B 455 41.29 -6.42 22.94
N VAL B 467 39.35 -0.94 9.97
CA VAL B 467 38.74 0.40 10.26
C VAL B 467 38.23 0.42 11.70
N PRO B 468 38.71 1.34 12.57
CA PRO B 468 37.99 1.69 13.80
C PRO B 468 36.60 2.27 13.50
N LEU B 469 35.61 1.95 14.33
CA LEU B 469 34.20 2.41 14.20
C LEU B 469 34.13 3.91 14.52
N LYS B 470 33.70 4.72 13.54
CA LYS B 470 33.49 6.18 13.69
C LYS B 470 32.00 6.47 13.45
N SER B 471 31.19 6.46 14.51
CA SER B 471 29.72 6.62 14.44
C SER B 471 29.16 7.33 15.68
N ALA B 472 28.34 8.37 15.47
CA ALA B 472 27.63 9.11 16.53
C ALA B 472 26.49 8.26 17.14
N THR B 473 26.18 7.10 16.53
CA THR B 473 25.07 6.19 16.92
C THR B 473 25.60 4.98 17.72
N CYS B 474 26.91 4.88 17.96
CA CYS B 474 27.54 3.94 18.94
C CYS B 474 27.67 4.63 20.30
N ILE B 475 26.68 4.47 21.17
CA ILE B 475 26.65 5.12 22.51
C ILE B 475 27.27 4.13 23.49
N THR B 476 28.61 4.12 23.55
CA THR B 476 29.44 3.25 24.42
C THR B 476 30.51 4.09 25.10
N ARG B 477 31.07 3.59 26.22
CA ARG B 477 32.14 4.28 26.99
C ARG B 477 33.36 4.54 26.10
N CYS B 478 33.76 3.57 25.28
CA CYS B 478 34.96 3.70 24.41
C CYS B 478 34.75 4.78 23.34
N ASN B 479 33.53 4.94 22.80
CA ASN B 479 33.23 5.93 21.73
C ASN B 479 33.23 7.35 22.33
N LEU B 480 32.84 7.48 23.60
CA LEU B 480 32.91 8.74 24.38
C LEU B 480 34.36 9.24 24.39
N GLY B 481 35.34 8.33 24.53
CA GLY B 481 36.79 8.61 24.40
C GLY B 481 37.34 8.24 23.04
N GLY B 482 37.01 9.01 22.00
CA GLY B 482 37.69 8.99 20.69
C GLY B 482 37.35 7.76 19.85
N ALA B 483 38.07 6.65 20.06
CA ALA B 483 38.03 5.40 19.26
C ALA B 483 37.37 4.23 20.04
N VAL B 484 36.66 3.35 19.34
CA VAL B 484 35.72 2.33 19.91
C VAL B 484 36.47 1.02 20.14
N CYS B 485 36.16 0.28 21.22
CA CYS B 485 36.81 -1.02 21.57
C CYS B 485 36.27 -2.13 20.65
N ARG B 486 37.06 -3.20 20.46
CA ARG B 486 36.79 -4.34 19.53
C ARG B 486 35.43 -5.01 19.85
N HIS B 487 35.10 -5.17 21.14
CA HIS B 487 33.84 -5.81 21.62
C HIS B 487 32.64 -5.00 21.15
N HIS B 488 32.57 -3.74 21.57
CA HIS B 488 31.46 -2.81 21.27
C HIS B 488 31.36 -2.57 19.75
N ALA B 489 32.47 -2.53 19.03
CA ALA B 489 32.51 -2.40 17.55
C ALA B 489 31.85 -3.62 16.88
N ASN B 490 32.06 -4.80 17.46
CA ASN B 490 31.54 -6.09 16.96
C ASN B 490 30.03 -6.13 17.23
N GLU B 491 29.64 -5.84 18.48
CA GLU B 491 28.24 -5.86 18.95
C GLU B 491 27.43 -4.82 18.19
N TYR B 492 28.00 -3.65 17.91
CA TYR B 492 27.39 -2.59 17.08
C TYR B 492 26.96 -3.17 15.74
N ARG B 493 27.87 -3.86 15.05
CA ARG B 493 27.63 -4.40 13.68
C ARG B 493 26.61 -5.54 13.72
N LEU B 494 26.61 -6.36 14.78
CA LEU B 494 25.59 -7.43 14.96
C LEU B 494 24.21 -6.78 15.15
N TYR B 495 24.15 -5.68 15.90
CA TYR B 495 22.89 -4.95 16.21
C TYR B 495 22.37 -4.24 14.95
N LEU B 496 23.25 -3.57 14.20
CA LEU B 496 22.92 -2.91 12.91
C LEU B 496 22.30 -3.95 11.97
N ASP B 497 22.90 -5.15 11.89
CA ASP B 497 22.38 -6.26 11.03
C ASP B 497 20.98 -6.65 11.52
N ALA B 498 20.78 -6.76 12.83
CA ALA B 498 19.50 -7.19 13.44
C ALA B 498 18.43 -6.12 13.17
N TYR B 499 18.74 -4.86 13.42
CA TYR B 499 17.82 -3.72 13.15
C TYR B 499 17.44 -3.73 11.66
N ASN B 500 18.42 -3.88 10.76
CA ASN B 500 18.18 -3.91 9.30
C ASN B 500 17.28 -5.09 8.93
N MET B 501 17.50 -6.25 9.55
CA MET B 501 16.67 -7.47 9.34
C MET B 501 15.22 -7.14 9.70
N MET B 502 15.04 -6.46 10.83
CA MET B 502 13.71 -6.14 11.40
C MET B 502 12.96 -5.15 10.50
N ILE B 503 13.64 -4.11 10.03
CA ILE B 503 13.06 -3.09 9.10
C ILE B 503 12.68 -3.76 7.77
N SER B 504 13.58 -4.56 7.18
CA SER B 504 13.35 -5.34 5.93
C SER B 504 12.16 -6.27 6.09
N ALA B 505 11.94 -6.80 7.30
CA ALA B 505 10.85 -7.74 7.62
C ALA B 505 9.51 -7.00 7.74
N GLY B 506 9.48 -5.67 7.77
CA GLY B 506 8.26 -4.85 7.64
C GLY B 506 7.80 -4.21 8.93
N PHE B 507 8.65 -4.19 9.97
CA PHE B 507 8.35 -3.61 11.31
C PHE B 507 8.92 -2.20 11.39
N SER B 508 8.15 -1.26 11.97
CA SER B 508 8.54 0.15 12.18
C SER B 508 8.44 0.48 13.67
N LEU B 509 9.38 1.30 14.14
CA LEU B 509 9.55 1.68 15.56
C LEU B 509 9.24 3.17 15.74
N TRP B 510 8.44 3.48 16.77
CA TRP B 510 7.91 4.82 17.10
C TRP B 510 8.11 5.06 18.60
N VAL B 511 8.26 6.32 18.99
CA VAL B 511 8.62 6.69 20.38
C VAL B 511 8.02 8.05 20.74
N TYR B 512 7.74 8.26 22.03
CA TYR B 512 7.38 9.57 22.64
C TYR B 512 8.34 10.64 22.08
N LYS B 513 7.79 11.77 21.64
CA LYS B 513 8.51 12.86 20.92
C LYS B 513 9.73 13.38 21.70
N GLN B 514 9.76 13.25 23.03
CA GLN B 514 10.83 13.83 23.91
C GLN B 514 12.04 12.89 23.96
N PHE B 515 11.98 11.72 23.33
CA PHE B 515 13.09 10.73 23.35
C PHE B 515 14.29 11.31 22.61
N ASP B 516 15.45 11.26 23.26
CA ASP B 516 16.72 11.78 22.71
C ASP B 516 17.84 10.91 23.27
N THR B 517 18.90 10.73 22.50
CA THR B 517 20.10 9.95 22.90
C THR B 517 21.04 10.80 23.76
N TYR B 518 20.81 12.13 23.92
CA TYR B 518 21.71 12.97 24.75
C TYR B 518 21.76 12.40 26.18
N ASN B 519 20.63 11.95 26.71
CA ASN B 519 20.52 11.48 28.12
C ASN B 519 21.20 10.12 28.30
N LEU B 520 21.41 9.36 27.23
CA LEU B 520 22.14 8.05 27.27
C LEU B 520 23.64 8.30 27.46
N TRP B 521 24.17 9.39 26.89
CA TRP B 521 25.60 9.81 27.04
C TRP B 521 25.91 10.10 28.52
N ASN B 522 24.94 10.67 29.26
CA ASN B 522 25.06 11.02 30.71
C ASN B 522 25.16 9.77 31.60
N THR B 523 24.68 8.61 31.15
CA THR B 523 24.71 7.35 31.94
C THR B 523 26.15 6.89 32.20
N PHE B 524 27.13 7.39 31.43
CA PHE B 524 28.58 7.09 31.55
C PHE B 524 29.24 8.08 32.51
#